data_9KR4
#
_entry.id   9KR4
#
_cell.length_a   1.00
_cell.length_b   1.00
_cell.length_c   1.00
_cell.angle_alpha   90.00
_cell.angle_beta   90.00
_cell.angle_gamma   90.00
#
_symmetry.space_group_name_H-M   'P 1'
#
loop_
_entity.id
_entity.type
_entity.pdbx_description
1 polymer 'Enterovirus B 75 chain A'
2 polymer 'Enterovirus B 75 chain B'
3 polymer 'Enterovirus B 75 chain C'
#
loop_
_entity_poly.entity_id
_entity_poly.type
_entity_poly.pdbx_seq_one_letter_code
_entity_poly.pdbx_strand_id
1 'polypeptide(L)'
;FVGGFHTRSESSLENFLGRAANTYRTSFKTLSTKPSLKFASWTITTRKVAMLRRKMEMFTYMRFDVEVTFVITSSKCKSD
PSSGSLPVLTFMVQYVPPGGPVPSSVDSFSWQSSTNPSIFWTQGNAPPRMSIPYMSIGNAYSNYYDGYSHHGADGVYGYN
TLNNQGQLYFRHVNSSNPGAYTCVVKIYFKLQHVKAWVPRPPRLCNYQRAENVNFKVQGVTDTKESITANPG
;
A
2 'polypeptide(L)'
;SSNVRSITLGNSTITTQESSNVVVGFGVWPSYLSKSKSGSGSTQPTQPDTATERFYTLESVKWQKTDNGWYWKFPDALKD
MGLFGQNMLYHFLGRTGWTIHVKCEASRFFQGALLVVCVPQAEKGCAVITRDVNATALDEGDKAKKFTAGSVSSQNGVQT
AVYNAAMGVAVGNLTIFPHQWINLKTNNSATIVKPYINSIPMENMYRHFNFTLMVIPFVPLEWSVGACTYVPITVTVAPQ
NAEYIGLRLA
;
B
3 'polypeptide(L)'
;GNPTQLVPGSNMYLTSDDFRSPEAMPQFEVTPEMFIPGEVHNLMEIAETDSTVPVNNVGMAVNSMEAYRIGVNPNTGSGT
QVYGWPLNPGKSSVFKRTNLGEILNYFAHWSGSIQLTFVFCGSAQATGKFLLAYSPPGAGAPTDRKGARLGTHVVWDVGL
QSSCVLEVPWISNTFYRKDKSSGTGFSKAGYVTCWFQTSIVAPADAMSKCYIMCFVSADNDFSVRLLKDTPFIKEQAARR
V
;
C
#
# COMPACT_ATOMS: atom_id res chain seq x y z
N PHE A 1 -29.62 -9.61 9.19
CA PHE A 1 -30.30 -9.17 7.98
C PHE A 1 -31.04 -10.33 7.32
N VAL A 2 -31.37 -10.16 6.05
CA VAL A 2 -32.13 -11.14 5.29
C VAL A 2 -31.21 -12.25 4.76
N GLY A 3 -31.80 -13.27 4.17
CA GLY A 3 -31.20 -14.58 3.92
C GLY A 3 -30.07 -14.74 2.92
N GLY A 4 -29.21 -13.73 2.78
CA GLY A 4 -28.37 -13.65 1.59
C GLY A 4 -28.11 -12.23 1.15
N PHE A 5 -28.33 -11.30 2.08
CA PHE A 5 -28.08 -9.87 1.91
C PHE A 5 -26.59 -9.57 1.68
N HIS A 6 -25.73 -10.58 1.67
CA HIS A 6 -24.29 -10.35 1.57
C HIS A 6 -23.98 -9.60 0.29
N THR A 7 -23.56 -8.34 0.42
CA THR A 7 -23.29 -7.49 -0.74
C THR A 7 -21.90 -6.89 -0.63
N ARG A 8 -21.18 -6.90 -1.76
CA ARG A 8 -19.83 -6.35 -1.83
C ARG A 8 -19.62 -5.57 -3.12
N SER A 9 -20.69 -5.23 -3.83
CA SER A 9 -20.56 -4.52 -5.09
C SER A 9 -20.03 -3.11 -4.89
N GLU A 10 -20.20 -2.54 -3.70
CA GLU A 10 -19.69 -1.20 -3.43
C GLU A 10 -18.19 -1.15 -3.20
N SER A 11 -17.56 -2.27 -2.84
CA SER A 11 -16.12 -2.30 -2.67
C SER A 11 -15.39 -2.82 -3.90
N SER A 12 -16.07 -2.95 -5.03
CA SER A 12 -15.37 -3.23 -6.27
C SER A 12 -14.54 -2.00 -6.67
N LEU A 13 -13.52 -2.25 -7.49
CA LEU A 13 -12.60 -1.19 -7.86
C LEU A 13 -13.33 0.01 -8.45
N GLU A 14 -14.27 -0.25 -9.35
CA GLU A 14 -14.96 0.83 -10.05
C GLU A 14 -15.77 1.69 -9.09
N ASN A 15 -16.41 1.07 -8.10
CA ASN A 15 -17.21 1.86 -7.15
C ASN A 15 -16.36 2.46 -6.04
N PHE A 16 -15.20 1.90 -5.75
CA PHE A 16 -14.30 2.48 -4.77
C PHE A 16 -13.60 3.71 -5.33
N LEU A 17 -13.24 3.67 -6.62
CA LEU A 17 -12.39 4.68 -7.22
C LEU A 17 -13.08 5.53 -8.28
N GLY A 18 -14.23 5.10 -8.80
CA GLY A 18 -14.88 5.82 -9.86
C GLY A 18 -15.91 6.84 -9.40
N ARG A 19 -15.48 7.81 -8.61
CA ARG A 19 -16.34 8.87 -8.12
C ARG A 19 -15.77 10.22 -8.51
N ALA A 20 -16.60 11.06 -9.14
CA ALA A 20 -16.13 12.35 -9.62
C ALA A 20 -15.75 13.25 -8.46
N ALA A 21 -14.53 13.78 -8.51
CA ALA A 21 -14.01 14.61 -7.45
C ALA A 21 -13.47 15.91 -8.02
N ASN A 22 -13.40 16.93 -7.20
CA ASN A 22 -12.82 18.20 -7.59
C ASN A 22 -11.33 18.20 -7.27
N THR A 23 -10.50 18.12 -8.31
CA THR A 23 -9.06 17.99 -8.14
C THR A 23 -8.28 19.29 -8.26
N TYR A 24 -8.89 20.39 -8.69
CA TYR A 24 -8.14 21.63 -8.85
C TYR A 24 -9.09 22.77 -9.17
N ARG A 25 -8.82 23.93 -8.57
CA ARG A 25 -9.54 25.15 -8.89
C ARG A 25 -8.53 26.26 -9.12
N THR A 26 -8.82 27.14 -10.08
CA THR A 26 -7.93 28.23 -10.43
C THR A 26 -8.71 29.28 -11.20
N SER A 27 -8.05 30.40 -11.50
CA SER A 27 -8.69 31.53 -12.14
C SER A 27 -7.82 32.07 -13.26
N PHE A 28 -8.46 32.77 -14.19
CA PHE A 28 -7.79 33.48 -15.27
C PHE A 28 -8.64 34.69 -15.63
N LYS A 29 -8.02 35.67 -16.28
CA LYS A 29 -8.65 36.96 -16.51
C LYS A 29 -8.67 37.30 -18.00
N THR A 30 -9.63 38.14 -18.37
CA THR A 30 -9.67 38.69 -19.72
C THR A 30 -8.65 39.79 -19.94
N LEU A 31 -8.34 40.57 -18.90
CA LEU A 31 -7.42 41.69 -18.99
C LEU A 31 -6.49 41.71 -17.79
N SER A 32 -5.21 41.92 -18.04
CA SER A 32 -4.24 42.09 -16.96
C SER A 32 -2.92 42.57 -17.56
N THR A 33 -2.19 43.35 -16.75
CA THR A 33 -0.83 43.74 -17.12
C THR A 33 0.11 42.53 -17.09
N LYS A 34 -0.02 41.68 -16.09
CA LYS A 34 0.84 40.50 -15.99
C LYS A 34 0.31 39.43 -16.93
N PRO A 35 1.09 39.00 -17.93
CA PRO A 35 0.56 38.02 -18.89
C PRO A 35 0.18 36.68 -18.28
N SER A 36 0.85 36.25 -17.22
CA SER A 36 0.58 34.93 -16.66
C SER A 36 -0.78 34.88 -15.94
N LEU A 37 -1.39 36.02 -15.69
CA LEU A 37 -2.72 36.09 -15.09
C LEU A 37 -3.83 35.99 -16.12
N LYS A 38 -3.50 35.95 -17.41
CA LYS A 38 -4.51 35.89 -18.46
C LYS A 38 -4.83 34.47 -18.88
N PHE A 39 -4.14 33.47 -18.35
CA PHE A 39 -4.45 32.08 -18.64
C PHE A 39 -4.14 31.24 -17.42
N ALA A 40 -4.71 30.03 -17.40
CA ALA A 40 -4.50 29.09 -16.32
C ALA A 40 -3.96 27.78 -16.91
N SER A 41 -3.24 27.04 -16.08
CA SER A 41 -2.68 25.76 -16.49
C SER A 41 -2.72 24.80 -15.31
N TRP A 42 -2.68 23.52 -15.62
CA TRP A 42 -2.72 22.47 -14.61
C TRP A 42 -2.17 21.19 -15.21
N THR A 43 -1.12 20.65 -14.61
CA THR A 43 -0.59 19.36 -15.00
C THR A 43 -1.45 18.27 -14.37
N ILE A 44 -2.03 17.41 -15.20
CA ILE A 44 -2.96 16.38 -14.73
C ILE A 44 -2.23 15.43 -13.80
N THR A 45 -2.64 15.42 -12.52
CA THR A 45 -2.08 14.53 -11.52
C THR A 45 -3.09 14.35 -10.40
N THR A 46 -3.10 13.15 -9.83
CA THR A 46 -3.96 12.84 -8.70
C THR A 46 -3.24 12.97 -7.36
N ARG A 47 -1.95 13.29 -7.36
CA ARG A 47 -1.13 13.21 -6.17
C ARG A 47 -1.27 14.42 -5.26
N LYS A 48 -1.99 15.45 -5.68
CA LYS A 48 -2.16 16.65 -4.87
C LYS A 48 -3.50 16.68 -4.13
N VAL A 49 -4.35 15.69 -4.32
CA VAL A 49 -5.60 15.57 -3.59
C VAL A 49 -5.45 14.40 -2.62
N ALA A 50 -5.52 14.68 -1.33
CA ALA A 50 -5.18 13.67 -0.33
C ALA A 50 -6.13 12.48 -0.36
N MET A 51 -7.44 12.74 -0.41
CA MET A 51 -8.42 11.67 -0.33
C MET A 51 -8.31 10.71 -1.51
N LEU A 52 -8.18 11.25 -2.72
CA LEU A 52 -7.99 10.40 -3.89
C LEU A 52 -6.64 9.70 -3.85
N ARG A 53 -5.60 10.40 -3.39
CA ARG A 53 -4.27 9.82 -3.38
C ARG A 53 -4.20 8.60 -2.46
N ARG A 54 -4.82 8.69 -1.28
CA ARG A 54 -4.78 7.56 -0.37
C ARG A 54 -5.47 6.35 -0.97
N LYS A 55 -6.66 6.54 -1.55
CA LYS A 55 -7.39 5.43 -2.16
C LYS A 55 -6.62 4.83 -3.32
N MET A 56 -6.01 5.67 -4.15
CA MET A 56 -5.30 5.21 -5.33
C MET A 56 -4.03 4.43 -4.94
N GLU A 57 -3.47 4.74 -3.78
CA GLU A 57 -2.19 4.19 -3.35
C GLU A 57 -2.32 2.91 -2.55
N MET A 58 -3.52 2.35 -2.41
CA MET A 58 -3.61 0.96 -1.99
C MET A 58 -3.25 0.00 -3.10
N PHE A 59 -2.81 0.48 -4.25
CA PHE A 59 -2.42 -0.34 -5.38
C PHE A 59 -1.12 0.19 -5.94
N THR A 60 -0.35 -0.69 -6.57
CA THR A 60 0.94 -0.28 -7.11
C THR A 60 0.84 0.13 -8.56
N TYR A 61 0.07 -0.59 -9.35
CA TYR A 61 -0.08 -0.35 -10.78
C TYR A 61 -1.55 -0.19 -11.11
N MET A 62 -1.85 0.68 -12.05
CA MET A 62 -3.25 0.98 -12.40
C MET A 62 -3.37 1.25 -13.89
N ARG A 63 -4.59 1.09 -14.39
CA ARG A 63 -4.98 1.48 -15.74
C ARG A 63 -6.38 2.08 -15.67
N PHE A 64 -6.55 3.26 -16.26
CA PHE A 64 -7.87 3.87 -16.29
C PHE A 64 -7.95 4.90 -17.40
N ASP A 65 -9.19 5.22 -17.79
CA ASP A 65 -9.51 6.39 -18.57
C ASP A 65 -9.92 7.51 -17.62
N VAL A 66 -9.84 8.74 -18.10
CA VAL A 66 -10.17 9.91 -17.31
C VAL A 66 -11.25 10.72 -18.01
N GLU A 67 -12.30 11.06 -17.28
CA GLU A 67 -13.36 11.93 -17.76
C GLU A 67 -13.25 13.26 -17.01
N VAL A 68 -13.17 14.36 -17.75
CA VAL A 68 -12.97 15.67 -17.18
C VAL A 68 -14.21 16.51 -17.45
N THR A 69 -14.75 17.13 -16.41
CA THR A 69 -15.85 18.07 -16.50
C THR A 69 -15.41 19.39 -15.89
N PHE A 70 -15.76 20.49 -16.55
CA PHE A 70 -15.29 21.82 -16.15
C PHE A 70 -16.47 22.67 -15.71
N VAL A 71 -16.43 23.14 -14.47
CA VAL A 71 -17.44 24.06 -13.94
C VAL A 71 -16.81 25.44 -13.94
N ILE A 72 -17.27 26.30 -14.84
CA ILE A 72 -16.67 27.60 -15.09
C ILE A 72 -17.68 28.69 -14.74
N THR A 73 -17.31 29.57 -13.81
CA THR A 73 -18.11 30.74 -13.49
C THR A 73 -17.26 31.99 -13.69
N SER A 74 -17.94 33.11 -13.89
CA SER A 74 -17.27 34.37 -14.13
C SER A 74 -17.89 35.45 -13.27
N SER A 75 -17.12 36.52 -13.08
CA SER A 75 -17.60 37.70 -12.37
C SER A 75 -16.94 38.92 -13.00
N LYS A 76 -17.60 40.06 -12.86
CA LYS A 76 -17.07 41.31 -13.37
C LYS A 76 -16.18 41.97 -12.34
N CYS A 77 -15.02 42.45 -12.78
CA CYS A 77 -14.15 43.21 -11.91
C CYS A 77 -14.73 44.59 -11.62
N LYS A 78 -14.14 45.27 -10.64
CA LYS A 78 -14.57 46.62 -10.31
C LYS A 78 -13.87 47.63 -11.22
N SER A 79 -14.64 48.24 -12.11
CA SER A 79 -14.11 49.23 -13.06
C SER A 79 -15.22 50.14 -13.57
N ASP A 80 -14.95 50.85 -14.69
CA ASP A 80 -15.89 51.80 -15.27
C ASP A 80 -17.24 51.16 -15.55
N PRO A 81 -18.33 51.82 -15.17
CA PRO A 81 -19.67 51.24 -15.36
C PRO A 81 -20.29 51.49 -16.72
N SER A 82 -19.57 52.12 -17.64
CA SER A 82 -20.08 52.29 -19.00
C SER A 82 -20.24 50.98 -19.74
N SER A 83 -19.38 50.00 -19.45
CA SER A 83 -19.49 48.69 -20.08
C SER A 83 -20.54 47.85 -19.36
N GLY A 84 -21.79 48.31 -19.36
CA GLY A 84 -22.88 47.52 -18.85
C GLY A 84 -23.26 46.43 -19.83
N SER A 85 -22.74 46.52 -21.04
CA SER A 85 -22.97 45.54 -22.09
C SER A 85 -22.14 44.30 -21.77
N LEU A 86 -22.78 43.14 -21.80
CA LEU A 86 -22.10 41.89 -21.50
C LEU A 86 -22.28 40.93 -22.66
N PRO A 87 -21.48 41.03 -23.72
CA PRO A 87 -21.44 39.95 -24.70
C PRO A 87 -20.99 38.66 -24.02
N VAL A 88 -21.60 37.56 -24.44
CA VAL A 88 -21.44 36.30 -23.72
C VAL A 88 -20.03 35.78 -23.88
N LEU A 89 -19.40 35.42 -22.75
CA LEU A 89 -18.01 35.00 -22.75
C LEU A 89 -17.82 33.60 -23.34
N THR A 90 -16.79 33.45 -24.15
CA THR A 90 -16.41 32.17 -24.72
C THR A 90 -15.10 31.72 -24.10
N PHE A 91 -14.95 30.41 -23.90
CA PHE A 91 -13.80 29.85 -23.22
C PHE A 91 -13.13 28.80 -24.09
N MET A 92 -11.85 28.59 -23.82
CA MET A 92 -11.09 27.59 -24.53
C MET A 92 -10.37 26.72 -23.49
N VAL A 93 -10.69 25.43 -23.49
CA VAL A 93 -9.99 24.45 -22.67
C VAL A 93 -9.13 23.63 -23.61
N GLN A 94 -7.82 23.62 -23.38
CA GLN A 94 -6.86 22.99 -24.26
C GLN A 94 -6.16 21.86 -23.53
N TYR A 95 -6.27 20.64 -24.07
CA TYR A 95 -5.52 19.50 -23.56
C TYR A 95 -4.24 19.40 -24.36
N VAL A 96 -3.10 19.34 -23.68
CA VAL A 96 -1.80 19.15 -24.31
C VAL A 96 -1.34 17.74 -23.99
N PRO A 97 -1.33 16.81 -24.95
CA PRO A 97 -0.92 15.45 -24.67
C PRO A 97 0.56 15.38 -24.35
N PRO A 98 1.03 14.29 -23.76
CA PRO A 98 2.47 14.16 -23.47
C PRO A 98 3.32 14.38 -24.72
N GLY A 99 4.15 15.40 -24.68
CA GLY A 99 4.98 15.76 -25.81
C GLY A 99 4.49 16.92 -26.66
N GLY A 100 3.41 17.59 -26.26
CA GLY A 100 2.86 18.65 -27.05
C GLY A 100 3.40 20.02 -26.68
N PRO A 101 3.24 20.99 -27.58
CA PRO A 101 3.74 22.35 -27.30
C PRO A 101 2.93 23.03 -26.21
N VAL A 102 3.62 23.85 -25.42
CA VAL A 102 3.05 24.49 -24.25
C VAL A 102 3.01 26.01 -24.44
N PRO A 103 1.90 26.66 -24.10
CA PRO A 103 1.82 28.11 -24.32
C PRO A 103 2.55 28.90 -23.23
N SER A 104 3.12 30.02 -23.64
CA SER A 104 3.79 30.95 -22.74
C SER A 104 2.99 32.21 -22.46
N SER A 105 2.04 32.54 -23.32
CA SER A 105 1.10 33.62 -23.08
C SER A 105 -0.22 33.24 -23.73
N VAL A 106 -1.19 34.15 -23.66
CA VAL A 106 -2.46 33.93 -24.35
C VAL A 106 -2.33 34.06 -25.86
N ASP A 107 -1.20 34.58 -26.34
CA ASP A 107 -0.98 34.78 -27.76
C ASP A 107 -0.09 33.72 -28.39
N SER A 108 0.32 32.72 -27.63
CA SER A 108 1.22 31.71 -28.14
C SER A 108 0.54 30.93 -29.26
N PHE A 109 1.35 30.44 -30.19
CA PHE A 109 0.79 29.66 -31.30
C PHE A 109 0.21 28.34 -30.83
N SER A 110 0.70 27.81 -29.71
CA SER A 110 0.25 26.50 -29.24
C SER A 110 -1.25 26.45 -29.00
N TRP A 111 -1.90 27.60 -28.77
CA TRP A 111 -3.35 27.62 -28.71
C TRP A 111 -3.99 27.22 -30.03
N GLN A 112 -3.24 27.23 -31.13
CA GLN A 112 -3.78 26.90 -32.44
C GLN A 112 -3.24 25.59 -33.00
N SER A 113 -2.40 24.89 -32.25
CA SER A 113 -1.88 23.61 -32.73
C SER A 113 -3.01 22.62 -32.95
N SER A 114 -3.02 21.99 -34.13
CA SER A 114 -4.07 21.05 -34.45
C SER A 114 -3.93 19.74 -33.68
N THR A 115 -2.80 19.52 -33.02
CA THR A 115 -2.60 18.33 -32.21
C THR A 115 -2.89 18.53 -30.73
N ASN A 116 -3.25 19.75 -30.31
CA ASN A 116 -3.78 19.95 -28.97
C ASN A 116 -5.30 20.05 -29.05
N PRO A 117 -6.03 18.99 -28.67
CA PRO A 117 -7.50 19.07 -28.73
C PRO A 117 -8.02 20.17 -27.82
N SER A 118 -8.97 20.93 -28.31
CA SER A 118 -9.54 22.04 -27.56
C SER A 118 -11.06 21.98 -27.59
N ILE A 119 -11.67 22.51 -26.54
CA ILE A 119 -13.11 22.73 -26.48
C ILE A 119 -13.32 24.23 -26.49
N PHE A 120 -14.27 24.68 -27.30
CA PHE A 120 -14.71 26.07 -27.28
C PHE A 120 -16.11 26.12 -26.69
N TRP A 121 -16.26 26.86 -25.59
CA TRP A 121 -17.46 26.80 -24.77
C TRP A 121 -17.92 28.21 -24.40
N THR A 122 -19.21 28.47 -24.60
CA THR A 122 -19.82 29.74 -24.29
C THR A 122 -20.69 29.59 -23.04
N GLN A 123 -20.70 30.62 -22.19
CA GLN A 123 -21.43 30.57 -20.94
C GLN A 123 -22.93 30.38 -21.16
N GLY A 124 -23.56 29.70 -20.21
CA GLY A 124 -24.98 29.45 -20.26
C GLY A 124 -25.35 28.08 -20.78
N ASN A 125 -24.38 27.25 -21.12
CA ASN A 125 -24.62 25.91 -21.62
C ASN A 125 -24.29 24.89 -20.54
N ALA A 126 -24.60 23.63 -20.83
CA ALA A 126 -24.15 22.56 -19.96
C ALA A 126 -22.63 22.58 -19.90
N PRO A 127 -22.06 22.26 -18.74
CA PRO A 127 -20.60 22.36 -18.58
C PRO A 127 -19.88 21.51 -19.61
N PRO A 128 -18.74 21.97 -20.12
CA PRO A 128 -18.00 21.19 -21.11
C PRO A 128 -17.41 19.91 -20.50
N ARG A 129 -17.26 18.90 -21.35
CA ARG A 129 -16.79 17.59 -20.93
C ARG A 129 -15.90 16.98 -22.00
N MET A 130 -14.88 16.27 -21.55
CA MET A 130 -13.94 15.62 -22.45
C MET A 130 -13.33 14.42 -21.76
N SER A 131 -13.00 13.39 -22.54
CA SER A 131 -12.42 12.16 -22.03
C SER A 131 -11.04 11.93 -22.61
N ILE A 132 -10.14 11.42 -21.77
CA ILE A 132 -8.77 11.12 -22.14
C ILE A 132 -8.57 9.63 -21.96
N PRO A 133 -7.99 8.92 -22.92
CA PRO A 133 -7.79 7.48 -22.77
C PRO A 133 -6.60 7.19 -21.86
N TYR A 134 -6.23 5.92 -21.81
CA TYR A 134 -5.02 5.52 -21.13
C TYR A 134 -3.79 5.94 -21.94
N MET A 135 -2.93 6.76 -21.35
CA MET A 135 -1.97 7.54 -22.12
C MET A 135 -0.52 7.05 -22.04
N SER A 136 -0.22 6.05 -21.24
CA SER A 136 1.17 5.68 -21.00
C SER A 136 1.74 4.84 -22.14
N ILE A 137 3.02 5.06 -22.42
CA ILE A 137 3.77 4.19 -23.31
C ILE A 137 3.95 2.81 -22.69
N GLY A 138 4.12 2.74 -21.37
CA GLY A 138 4.11 1.48 -20.65
C GLY A 138 2.72 0.89 -20.52
N ASN A 139 2.67 -0.32 -19.98
CA ASN A 139 1.44 -1.09 -19.94
C ASN A 139 0.55 -0.77 -18.75
N ALA A 140 1.05 -0.04 -17.76
CA ALA A 140 0.26 0.40 -16.63
C ALA A 140 0.85 1.69 -16.10
N TYR A 141 0.03 2.48 -15.42
CA TYR A 141 0.57 3.55 -14.59
C TYR A 141 1.15 2.93 -13.33
N SER A 142 2.13 3.60 -12.75
CA SER A 142 2.70 3.16 -11.49
C SER A 142 2.42 4.21 -10.41
N ASN A 143 1.90 3.76 -9.28
CA ASN A 143 1.77 4.65 -8.13
C ASN A 143 3.06 4.74 -7.34
N TYR A 144 3.91 3.73 -7.42
CA TYR A 144 5.20 3.70 -6.74
C TYR A 144 6.28 3.30 -7.73
N TYR A 145 7.44 3.91 -7.59
CA TYR A 145 8.58 3.65 -8.46
C TYR A 145 9.85 3.70 -7.62
N ASP A 146 10.39 2.53 -7.31
CA ASP A 146 11.61 2.42 -6.50
C ASP A 146 12.85 2.46 -7.41
N GLY A 147 13.05 3.59 -8.05
CA GLY A 147 14.15 3.75 -8.96
C GLY A 147 14.42 5.21 -9.26
N TYR A 148 15.38 5.42 -10.15
CA TYR A 148 15.80 6.76 -10.56
C TYR A 148 15.36 7.01 -11.99
N SER A 149 15.03 8.28 -12.27
CA SER A 149 14.49 8.63 -13.58
C SER A 149 15.49 8.38 -14.70
N HIS A 150 16.76 8.70 -14.49
CA HIS A 150 17.80 8.34 -15.43
C HIS A 150 19.09 8.14 -14.65
N HIS A 151 20.11 7.63 -15.34
CA HIS A 151 21.44 7.43 -14.75
C HIS A 151 22.28 8.70 -14.86
N GLY A 152 22.09 9.58 -13.89
CA GLY A 152 22.87 10.79 -13.83
C GLY A 152 22.85 11.36 -12.43
N ALA A 153 23.55 12.48 -12.26
CA ALA A 153 23.50 13.22 -11.01
C ALA A 153 22.24 14.07 -10.92
N ASP A 154 21.52 14.21 -12.03
CA ASP A 154 20.25 14.93 -12.07
C ASP A 154 19.05 14.00 -12.02
N GLY A 155 19.26 12.70 -11.79
CA GLY A 155 18.13 11.79 -11.67
C GLY A 155 17.34 12.02 -10.40
N VAL A 156 16.04 11.82 -10.49
CA VAL A 156 15.11 12.07 -9.39
C VAL A 156 14.60 10.73 -8.88
N TYR A 157 14.74 10.51 -7.58
CA TYR A 157 14.29 9.25 -7.00
C TYR A 157 12.77 9.21 -6.92
N GLY A 158 12.19 8.12 -7.40
CA GLY A 158 10.76 7.94 -7.37
C GLY A 158 10.00 8.52 -8.53
N TYR A 159 10.67 9.07 -9.55
CA TYR A 159 10.00 9.71 -10.66
C TYR A 159 10.02 8.79 -11.86
N ASN A 160 8.84 8.35 -12.28
CA ASN A 160 8.65 7.49 -13.44
C ASN A 160 8.15 8.36 -14.59
N THR A 161 8.93 8.46 -15.65
CA THR A 161 8.55 9.35 -16.75
C THR A 161 7.35 8.86 -17.53
N LEU A 162 6.95 7.60 -17.34
CA LEU A 162 5.86 6.98 -18.07
C LEU A 162 4.49 7.26 -17.46
N ASN A 163 4.41 8.02 -16.37
CA ASN A 163 3.14 8.41 -15.80
C ASN A 163 2.63 9.74 -16.33
N ASN A 164 3.17 10.20 -17.46
CA ASN A 164 2.79 11.49 -18.01
C ASN A 164 1.41 11.40 -18.66
N GLN A 165 0.49 12.26 -18.20
CA GLN A 165 -0.89 12.20 -18.67
C GLN A 165 -1.33 13.44 -19.43
N GLY A 166 -0.52 14.48 -19.48
CA GLY A 166 -0.83 15.69 -20.21
C GLY A 166 -1.08 16.87 -19.29
N GLN A 167 -1.51 17.98 -19.89
CA GLN A 167 -1.83 19.20 -19.16
C GLN A 167 -3.09 19.83 -19.74
N LEU A 168 -3.71 20.70 -18.96
CA LEU A 168 -4.90 21.44 -19.36
C LEU A 168 -4.63 22.93 -19.22
N TYR A 169 -5.03 23.69 -20.23
CA TYR A 169 -4.85 25.13 -20.27
C TYR A 169 -6.19 25.82 -20.51
N PHE A 170 -6.34 27.00 -19.92
CA PHE A 170 -7.61 27.72 -19.94
C PHE A 170 -7.36 29.18 -20.29
N ARG A 171 -8.12 29.71 -21.24
CA ARG A 171 -8.05 31.12 -21.59
C ARG A 171 -9.41 31.54 -22.13
N HIS A 172 -9.68 32.84 -22.02
CA HIS A 172 -10.84 33.43 -22.66
C HIS A 172 -10.60 33.55 -24.15
N VAL A 173 -11.67 33.41 -24.93
CA VAL A 173 -11.63 33.68 -26.37
C VAL A 173 -12.24 35.07 -26.56
N ASN A 174 -11.39 36.06 -26.71
CA ASN A 174 -11.82 37.46 -26.71
C ASN A 174 -12.03 37.98 -28.12
N SER A 175 -12.88 39.00 -28.21
CA SER A 175 -12.96 39.84 -29.41
C SER A 175 -12.02 41.03 -29.23
N SER A 176 -12.17 42.04 -30.09
CA SER A 176 -11.22 43.14 -30.16
C SER A 176 -11.17 43.97 -28.88
N ASN A 177 -12.32 44.23 -28.25
CA ASN A 177 -12.40 45.09 -27.07
C ASN A 177 -13.09 44.33 -25.94
N PRO A 178 -12.39 43.44 -25.27
CA PRO A 178 -12.98 42.73 -24.14
C PRO A 178 -13.10 43.61 -22.91
N GLY A 179 -14.05 43.23 -22.04
CA GLY A 179 -14.15 43.83 -20.73
C GLY A 179 -13.23 43.16 -19.74
N ALA A 180 -13.20 43.70 -18.53
CA ALA A 180 -12.38 43.13 -17.46
C ALA A 180 -13.22 42.12 -16.70
N TYR A 181 -12.88 40.83 -16.87
CA TYR A 181 -13.61 39.75 -16.22
C TYR A 181 -12.63 38.75 -15.63
N THR A 182 -13.05 38.13 -14.53
CA THR A 182 -12.30 37.06 -13.90
C THR A 182 -13.15 35.79 -13.94
N CYS A 183 -12.53 34.68 -14.29
CA CYS A 183 -13.22 33.41 -14.38
C CYS A 183 -12.51 32.37 -13.51
N VAL A 184 -13.28 31.66 -12.70
CA VAL A 184 -12.78 30.57 -11.88
C VAL A 184 -13.24 29.27 -12.52
N VAL A 185 -12.32 28.32 -12.66
CA VAL A 185 -12.63 27.02 -13.23
C VAL A 185 -12.36 25.95 -12.19
N LYS A 186 -13.33 25.07 -12.00
CA LYS A 186 -13.20 23.90 -11.15
C LYS A 186 -13.14 22.67 -12.04
N ILE A 187 -12.08 21.88 -11.87
CA ILE A 187 -11.87 20.68 -12.67
C ILE A 187 -12.41 19.49 -11.91
N TYR A 188 -13.30 18.73 -12.53
CA TYR A 188 -13.85 17.53 -11.93
C TYR A 188 -13.31 16.30 -12.63
N PHE A 189 -12.89 15.33 -11.83
CA PHE A 189 -12.07 14.20 -12.25
C PHE A 189 -12.81 12.90 -11.97
N LYS A 190 -12.90 12.04 -12.97
CA LYS A 190 -13.52 10.72 -12.80
C LYS A 190 -12.69 9.67 -13.50
N LEU A 191 -12.38 8.58 -12.81
CA LEU A 191 -11.65 7.46 -13.40
C LEU A 191 -12.63 6.44 -13.96
N GLN A 192 -12.33 5.91 -15.14
CA GLN A 192 -13.21 4.97 -15.80
C GLN A 192 -12.42 3.73 -16.23
N HIS A 193 -13.10 2.59 -16.18
CA HIS A 193 -12.52 1.30 -16.59
C HIS A 193 -11.24 1.01 -15.84
N VAL A 194 -11.32 1.01 -14.51
CA VAL A 194 -10.13 0.94 -13.68
C VAL A 194 -9.72 -0.52 -13.49
N LYS A 195 -8.43 -0.78 -13.66
CA LYS A 195 -7.80 -2.04 -13.30
C LYS A 195 -6.66 -1.73 -12.35
N ALA A 196 -6.39 -2.62 -11.40
CA ALA A 196 -5.35 -2.38 -10.41
C ALA A 196 -4.66 -3.68 -10.04
N TRP A 197 -3.39 -3.57 -9.66
CA TRP A 197 -2.54 -4.71 -9.32
C TRP A 197 -1.75 -4.41 -8.05
N VAL A 198 -1.33 -5.48 -7.37
CA VAL A 198 -0.40 -5.45 -6.23
C VAL A 198 -0.86 -4.53 -5.12
N PRO A 199 -1.81 -4.96 -4.28
CA PRO A 199 -2.28 -4.10 -3.19
C PRO A 199 -1.22 -3.83 -2.13
N ARG A 200 -1.37 -2.70 -1.47
CA ARG A 200 -0.41 -2.17 -0.52
C ARG A 200 -1.14 -1.76 0.76
N PRO A 201 -0.43 -1.63 1.87
CA PRO A 201 -1.06 -1.10 3.08
C PRO A 201 -1.48 0.34 2.84
N PRO A 202 -2.61 0.75 3.42
CA PRO A 202 -3.01 2.16 3.32
C PRO A 202 -1.99 3.06 3.99
N ARG A 203 -1.88 4.27 3.45
CA ARG A 203 -0.98 5.28 4.01
C ARG A 203 -1.37 5.61 5.44
N LEU A 204 -0.41 5.44 6.36
CA LEU A 204 -0.64 5.72 7.76
C LEU A 204 -0.30 7.17 8.11
N CYS A 205 0.89 7.61 7.73
CA CYS A 205 1.40 8.93 8.06
C CYS A 205 0.79 9.99 7.14
N ASN A 206 0.87 11.24 7.59
CA ASN A 206 0.43 12.37 6.78
C ASN A 206 1.28 12.49 5.52
N TYR A 207 0.65 12.93 4.44
CA TYR A 207 1.38 13.26 3.23
C TYR A 207 2.13 14.57 3.41
N GLN A 208 3.40 14.59 3.00
CA GLN A 208 4.23 15.79 3.12
C GLN A 208 4.51 16.46 1.80
N ARG A 209 4.88 15.70 0.77
CA ARG A 209 5.19 16.26 -0.54
C ARG A 209 4.33 15.59 -1.59
N ALA A 210 4.04 16.33 -2.66
CA ALA A 210 3.26 15.79 -3.75
C ALA A 210 4.08 14.86 -4.64
N GLU A 211 5.41 14.93 -4.57
CA GLU A 211 6.27 14.23 -5.51
C GLU A 211 6.94 12.99 -4.95
N ASN A 212 6.96 12.79 -3.63
CA ASN A 212 7.58 11.61 -3.06
C ASN A 212 6.71 11.11 -1.91
N VAL A 213 7.26 10.18 -1.13
CA VAL A 213 6.53 9.50 -0.08
C VAL A 213 6.97 9.96 1.31
N ASN A 214 7.67 11.08 1.41
CA ASN A 214 8.28 11.49 2.67
C ASN A 214 7.23 11.69 3.76
N PHE A 215 7.61 11.34 4.98
CA PHE A 215 6.67 11.31 6.10
C PHE A 215 7.40 11.63 7.39
N LYS A 216 6.64 12.07 8.37
CA LYS A 216 7.08 12.11 9.75
C LYS A 216 6.62 10.83 10.43
N VAL A 217 7.45 10.32 11.34
CA VAL A 217 7.16 9.05 11.99
C VAL A 217 5.92 9.20 12.86
N GLN A 218 5.01 8.22 12.77
CA GLN A 218 3.74 8.25 13.48
C GLN A 218 3.53 6.92 14.18
N GLY A 219 2.89 6.99 15.34
CA GLY A 219 2.56 5.77 16.07
C GLY A 219 1.59 4.90 15.30
N VAL A 220 1.75 3.58 15.47
CA VAL A 220 0.98 2.62 14.69
C VAL A 220 -0.52 2.76 14.90
N THR A 221 -0.98 3.17 16.08
CA THR A 221 -2.38 3.43 16.31
C THR A 221 -2.49 4.34 17.52
N ASP A 222 -3.72 4.71 17.87
CA ASP A 222 -3.95 5.53 19.05
C ASP A 222 -3.91 4.68 20.31
N THR A 223 -3.84 5.35 21.45
CA THR A 223 -3.63 4.66 22.71
C THR A 223 -4.94 4.45 23.47
N LYS A 224 -4.92 3.43 24.34
CA LYS A 224 -5.98 3.18 25.30
C LYS A 224 -5.37 3.11 26.69
N GLU A 225 -6.22 3.19 27.71
CA GLU A 225 -5.72 3.25 29.08
C GLU A 225 -5.12 1.92 29.54
N SER A 226 -5.77 0.80 29.26
CA SER A 226 -5.31 -0.49 29.75
C SER A 226 -5.39 -1.53 28.65
N ILE A 227 -4.54 -2.55 28.75
CA ILE A 227 -4.54 -3.66 27.81
C ILE A 227 -5.69 -4.63 28.07
N THR A 228 -6.21 -4.68 29.28
CA THR A 228 -7.31 -5.56 29.64
C THR A 228 -8.65 -4.89 29.37
N ALA A 229 -9.70 -5.71 29.31
CA ALA A 229 -11.06 -5.22 29.22
C ALA A 229 -11.69 -5.26 30.60
N ASN A 230 -12.17 -4.12 31.08
CA ASN A 230 -12.68 -4.16 32.43
C ASN A 230 -14.20 -3.97 32.44
N PRO A 231 -14.94 -4.67 33.31
CA PRO A 231 -16.39 -4.53 33.31
C PRO A 231 -16.84 -3.20 33.91
N GLY A 232 -17.27 -2.29 33.06
CA GLY A 232 -17.68 -0.96 33.48
C GLY A 232 -18.93 -0.94 34.35
N SER B 1 14.00 -38.00 13.13
CA SER B 1 14.62 -36.83 12.54
C SER B 1 13.88 -36.41 11.27
N SER B 2 13.79 -35.10 11.07
CA SER B 2 13.04 -34.56 9.94
C SER B 2 13.75 -34.85 8.63
N ASN B 3 12.97 -35.08 7.58
CA ASN B 3 13.52 -35.33 6.27
C ASN B 3 14.06 -34.04 5.67
N VAL B 4 15.21 -34.14 5.01
CA VAL B 4 15.83 -33.01 4.33
C VAL B 4 16.13 -33.42 2.90
N ARG B 5 16.22 -32.42 2.04
CA ARG B 5 16.52 -32.63 0.63
C ARG B 5 17.65 -31.71 0.21
N SER B 6 18.45 -32.17 -0.75
CA SER B 6 19.53 -31.39 -1.32
C SER B 6 19.12 -30.90 -2.71
N ILE B 7 19.37 -29.62 -2.98
CA ILE B 7 19.04 -29.02 -4.27
C ILE B 7 20.33 -28.54 -4.91
N THR B 8 20.62 -29.05 -6.10
CA THR B 8 21.77 -28.63 -6.90
C THR B 8 21.27 -27.79 -8.06
N LEU B 9 21.82 -26.59 -8.20
CA LEU B 9 21.61 -25.72 -9.36
C LEU B 9 22.99 -25.30 -9.85
N GLY B 10 23.31 -25.63 -11.09
CA GLY B 10 24.62 -25.35 -11.60
C GLY B 10 25.70 -26.03 -10.80
N ASN B 11 26.62 -25.26 -10.21
CA ASN B 11 27.71 -25.78 -9.41
C ASN B 11 27.54 -25.49 -7.92
N SER B 12 26.31 -25.32 -7.45
CA SER B 12 26.02 -25.03 -6.06
C SER B 12 24.99 -26.00 -5.51
N THR B 13 25.10 -26.30 -4.23
CA THR B 13 24.16 -27.20 -3.56
C THR B 13 23.82 -26.66 -2.18
N ILE B 14 22.53 -26.68 -1.83
CA ILE B 14 22.05 -26.33 -0.50
C ILE B 14 21.10 -27.42 -0.03
N THR B 15 20.89 -27.48 1.29
CA THR B 15 19.94 -28.39 1.89
C THR B 15 18.79 -27.63 2.54
N THR B 16 17.59 -28.17 2.41
CA THR B 16 16.38 -27.60 2.99
C THR B 16 15.57 -28.70 3.64
N GLN B 17 14.72 -28.30 4.57
CA GLN B 17 13.78 -29.24 5.17
C GLN B 17 12.66 -29.55 4.19
N GLU B 18 12.35 -30.84 4.03
CA GLU B 18 11.23 -31.22 3.17
C GLU B 18 9.89 -30.74 3.73
N SER B 19 9.83 -30.44 5.02
CA SER B 19 8.60 -29.96 5.66
C SER B 19 8.45 -28.44 5.59
N SER B 20 9.35 -27.76 4.89
CA SER B 20 9.25 -26.32 4.75
C SER B 20 8.29 -25.95 3.62
N ASN B 21 7.39 -25.02 3.90
CA ASN B 21 6.41 -24.59 2.91
C ASN B 21 6.97 -23.44 2.07
N VAL B 22 6.52 -23.36 0.83
CA VAL B 22 6.97 -22.35 -0.11
C VAL B 22 5.84 -21.38 -0.33
N VAL B 23 6.15 -20.09 -0.31
CA VAL B 23 5.20 -19.03 -0.65
C VAL B 23 5.50 -18.60 -2.06
N VAL B 24 4.54 -18.75 -2.96
CA VAL B 24 4.64 -18.25 -4.32
C VAL B 24 3.89 -16.93 -4.37
N GLY B 25 4.61 -15.84 -4.64
CA GLY B 25 4.04 -14.51 -4.66
C GLY B 25 2.89 -14.34 -5.63
N PHE B 26 1.72 -14.01 -5.10
CA PHE B 26 0.51 -13.79 -5.88
C PHE B 26 0.11 -15.03 -6.67
N GLY B 27 0.65 -16.20 -6.29
CA GLY B 27 0.31 -17.44 -6.95
C GLY B 27 0.88 -17.63 -8.33
N VAL B 28 1.84 -16.82 -8.74
CA VAL B 28 2.37 -16.82 -10.10
C VAL B 28 3.81 -17.34 -10.06
N TRP B 29 4.06 -18.39 -10.80
CA TRP B 29 5.41 -18.91 -10.93
C TRP B 29 6.17 -18.13 -12.00
N PRO B 30 7.45 -17.86 -11.80
CA PRO B 30 8.23 -17.13 -12.81
C PRO B 30 8.29 -17.90 -14.13
N SER B 31 8.27 -17.14 -15.22
CA SER B 31 8.30 -17.71 -16.56
C SER B 31 8.93 -16.71 -17.51
N TYR B 32 9.25 -17.17 -18.70
CA TYR B 32 9.75 -16.31 -19.75
C TYR B 32 8.62 -15.52 -20.40
N LEU B 33 8.99 -14.58 -21.24
CA LEU B 33 8.06 -13.78 -22.02
C LEU B 33 7.51 -14.53 -23.23
N SER B 34 7.62 -15.86 -23.27
CA SER B 34 7.30 -16.62 -24.47
C SER B 34 5.86 -16.44 -24.96
N LYS B 35 4.94 -16.00 -24.11
CA LYS B 35 3.55 -15.89 -24.53
C LYS B 35 3.35 -14.83 -25.61
N SER B 36 4.32 -13.93 -25.78
CA SER B 36 4.18 -12.85 -26.75
C SER B 36 5.34 -12.83 -27.72
N LYS B 37 5.71 -14.01 -28.25
CA LYS B 37 6.83 -14.15 -29.16
C LYS B 37 6.42 -14.00 -30.61
N SER B 38 5.45 -13.13 -30.88
CA SER B 38 5.00 -12.79 -32.21
C SER B 38 6.02 -11.86 -32.87
N GLY B 39 5.58 -11.17 -33.91
CA GLY B 39 6.42 -10.28 -34.69
C GLY B 39 7.32 -9.35 -33.93
N SER B 40 6.93 -8.97 -32.70
CA SER B 40 7.76 -8.08 -31.89
C SER B 40 9.14 -8.67 -31.59
N GLY B 41 9.29 -9.99 -31.65
CA GLY B 41 10.59 -10.59 -31.38
C GLY B 41 11.60 -10.38 -32.48
N SER B 42 11.13 -9.97 -33.67
CA SER B 42 12.07 -9.64 -34.75
C SER B 42 12.74 -8.29 -34.52
N THR B 43 11.97 -7.27 -34.14
CA THR B 43 12.53 -5.95 -33.86
C THR B 43 13.00 -5.77 -32.43
N GLN B 44 12.71 -6.73 -31.55
CA GLN B 44 13.16 -6.66 -30.15
C GLN B 44 13.52 -8.05 -29.67
N PRO B 45 14.57 -8.65 -30.22
CA PRO B 45 14.96 -10.00 -29.80
C PRO B 45 15.47 -10.01 -28.37
N THR B 46 15.21 -11.11 -27.68
CA THR B 46 15.62 -11.31 -26.31
C THR B 46 16.31 -12.66 -26.18
N GLN B 47 17.24 -12.75 -25.24
CA GLN B 47 17.96 -13.99 -25.02
C GLN B 47 17.97 -14.37 -23.55
N PRO B 48 17.84 -15.64 -23.22
CA PRO B 48 18.00 -16.07 -21.83
C PRO B 48 19.46 -16.28 -21.47
N ASP B 49 19.70 -16.48 -20.19
CA ASP B 49 21.03 -16.87 -19.69
C ASP B 49 20.80 -17.88 -18.56
N THR B 50 20.76 -19.17 -18.91
CA THR B 50 20.46 -20.21 -17.92
C THR B 50 21.62 -20.52 -17.00
N ALA B 51 22.81 -19.97 -17.25
CA ALA B 51 23.92 -20.17 -16.33
C ALA B 51 23.85 -19.21 -15.13
N THR B 52 22.94 -18.25 -15.16
CA THR B 52 22.66 -17.46 -13.97
C THR B 52 21.81 -18.22 -12.96
N GLU B 53 21.33 -19.41 -13.32
CA GLU B 53 20.50 -20.19 -12.39
C GLU B 53 21.40 -21.02 -11.49
N ARG B 54 21.73 -20.42 -10.36
CA ARG B 54 22.54 -21.02 -9.32
C ARG B 54 22.20 -20.31 -8.03
N PHE B 55 22.60 -20.91 -6.91
CA PHE B 55 22.36 -20.30 -5.61
C PHE B 55 23.48 -19.31 -5.28
N TYR B 56 23.10 -18.08 -4.99
CA TYR B 56 24.03 -17.07 -4.49
C TYR B 56 23.71 -16.85 -3.02
N THR B 57 24.68 -17.14 -2.15
CA THR B 57 24.50 -16.94 -0.72
C THR B 57 25.19 -15.64 -0.32
N LEU B 58 24.44 -14.75 0.30
CA LEU B 58 24.96 -13.46 0.73
C LEU B 58 25.69 -13.60 2.06
N GLU B 59 26.25 -12.50 2.53
CA GLU B 59 26.81 -12.48 3.88
C GLU B 59 25.70 -12.60 4.92
N SER B 60 25.93 -13.44 5.92
CA SER B 60 24.93 -13.64 6.96
C SER B 60 24.90 -12.46 7.92
N VAL B 61 23.75 -12.27 8.56
CA VAL B 61 23.59 -11.22 9.56
C VAL B 61 23.29 -11.87 10.89
N LYS B 62 23.53 -11.14 11.97
CA LYS B 62 23.36 -11.66 13.31
C LYS B 62 22.13 -11.05 13.96
N TRP B 63 21.13 -11.89 14.19
CA TRP B 63 19.92 -11.48 14.90
C TRP B 63 20.23 -11.40 16.40
N GLN B 64 20.12 -10.21 16.96
CA GLN B 64 20.46 -9.94 18.35
C GLN B 64 19.21 -9.46 19.10
N LYS B 65 19.40 -9.23 20.40
CA LYS B 65 18.33 -8.69 21.24
C LYS B 65 17.90 -7.30 20.81
N THR B 66 18.84 -6.44 20.43
CA THR B 66 18.56 -5.06 20.06
C THR B 66 18.42 -4.88 18.56
N ASP B 67 18.17 -5.94 17.82
CA ASP B 67 18.07 -5.84 16.36
C ASP B 67 16.68 -5.37 15.94
N ASN B 68 16.64 -4.47 14.97
CA ASN B 68 15.40 -3.88 14.50
C ASN B 68 14.99 -4.37 13.13
N GLY B 69 15.91 -4.97 12.36
CA GLY B 69 15.59 -5.54 11.08
C GLY B 69 16.63 -5.22 10.03
N TRP B 70 16.49 -5.90 8.90
CA TRP B 70 17.39 -5.74 7.76
C TRP B 70 16.57 -5.64 6.48
N TYR B 71 17.15 -5.02 5.47
CA TYR B 71 16.52 -5.06 4.15
C TYR B 71 17.58 -5.09 3.06
N TRP B 72 17.20 -5.74 1.95
CA TRP B 72 18.03 -5.91 0.77
C TRP B 72 17.21 -5.50 -0.45
N LYS B 73 17.73 -4.57 -1.24
CA LYS B 73 17.07 -4.19 -2.48
C LYS B 73 17.48 -5.14 -3.60
N PHE B 74 16.52 -5.54 -4.41
CA PHE B 74 16.89 -6.56 -5.37
C PHE B 74 16.99 -6.00 -6.79
N PRO B 75 17.23 -6.85 -7.76
CA PRO B 75 18.49 -6.84 -8.53
C PRO B 75 19.74 -6.32 -7.84
N ASP B 76 19.68 -5.23 -7.09
CA ASP B 76 20.90 -4.54 -6.64
C ASP B 76 21.72 -5.41 -5.68
N ALA B 77 21.08 -6.27 -4.90
CA ALA B 77 21.80 -7.10 -3.95
C ALA B 77 22.75 -8.09 -4.62
N LEU B 78 22.56 -8.39 -5.90
CA LEU B 78 23.39 -9.35 -6.62
C LEU B 78 24.26 -8.70 -7.69
N LYS B 79 24.44 -7.39 -7.65
CA LYS B 79 25.15 -6.71 -8.72
C LYS B 79 26.63 -7.08 -8.78
N ASP B 80 27.21 -7.56 -7.68
CA ASP B 80 28.62 -7.89 -7.66
C ASP B 80 28.88 -9.39 -7.54
N MET B 81 27.92 -10.24 -7.91
CA MET B 81 28.05 -11.66 -7.59
C MET B 81 28.80 -12.43 -8.67
N GLY B 82 28.24 -12.51 -9.86
CA GLY B 82 28.85 -13.40 -10.83
C GLY B 82 28.44 -13.10 -12.25
N LEU B 83 28.11 -14.15 -12.99
CA LEU B 83 27.49 -13.96 -14.30
C LEU B 83 26.20 -13.15 -14.19
N PHE B 84 25.45 -13.31 -13.10
CA PHE B 84 24.28 -12.45 -12.90
C PHE B 84 24.71 -10.99 -12.77
N GLY B 85 25.74 -10.73 -11.96
CA GLY B 85 26.22 -9.37 -11.83
C GLY B 85 26.81 -8.83 -13.12
N GLN B 86 27.52 -9.67 -13.87
CA GLN B 86 28.08 -9.23 -15.15
C GLN B 86 26.99 -8.90 -16.15
N ASN B 87 25.91 -9.69 -16.18
CA ASN B 87 24.84 -9.42 -17.14
C ASN B 87 24.15 -8.09 -16.86
N MET B 88 24.17 -7.62 -15.62
CA MET B 88 23.59 -6.32 -15.31
C MET B 88 24.36 -5.20 -15.98
N LEU B 89 25.67 -5.37 -16.18
CA LEU B 89 26.50 -4.37 -16.83
C LEU B 89 26.40 -4.42 -18.35
N TYR B 90 26.29 -5.61 -18.94
CA TYR B 90 26.37 -5.74 -20.38
C TYR B 90 25.03 -5.57 -21.08
N HIS B 91 23.94 -5.92 -20.42
CA HIS B 91 22.62 -5.86 -21.02
C HIS B 91 21.86 -4.67 -20.48
N PHE B 92 21.34 -3.87 -21.41
CA PHE B 92 20.60 -2.66 -21.06
C PHE B 92 19.24 -2.98 -20.44
N LEU B 93 18.58 -4.04 -20.91
CA LEU B 93 17.28 -4.42 -20.39
C LEU B 93 17.31 -5.87 -19.92
N GLY B 94 16.55 -6.14 -18.86
CA GLY B 94 16.49 -7.47 -18.29
C GLY B 94 15.25 -7.66 -17.44
N ARG B 95 14.97 -8.92 -17.15
CA ARG B 95 13.87 -9.31 -16.27
C ARG B 95 14.19 -10.68 -15.68
N THR B 96 13.68 -10.93 -14.49
CA THR B 96 13.96 -12.18 -13.81
C THR B 96 13.03 -12.34 -12.61
N GLY B 97 12.72 -13.59 -12.30
CA GLY B 97 12.11 -13.96 -11.04
C GLY B 97 13.18 -14.45 -10.09
N TRP B 98 12.79 -14.91 -8.90
CA TRP B 98 13.74 -15.32 -7.89
C TRP B 98 13.16 -16.38 -6.96
N THR B 99 14.05 -17.23 -6.45
CA THR B 99 13.79 -18.09 -5.32
C THR B 99 14.63 -17.59 -4.17
N ILE B 100 14.00 -17.28 -3.04
CA ILE B 100 14.67 -16.69 -1.89
C ILE B 100 14.49 -17.62 -0.70
N HIS B 101 15.60 -17.98 -0.06
CA HIS B 101 15.62 -18.74 1.18
C HIS B 101 16.16 -17.84 2.28
N VAL B 102 15.44 -17.78 3.39
CA VAL B 102 15.88 -17.10 4.60
C VAL B 102 15.90 -18.14 5.71
N LYS B 103 17.09 -18.44 6.23
CA LYS B 103 17.28 -19.49 7.22
C LYS B 103 17.90 -18.95 8.48
N CYS B 104 17.44 -19.44 9.62
CA CYS B 104 17.96 -19.08 10.93
C CYS B 104 18.65 -20.28 11.55
N GLU B 105 19.78 -20.02 12.21
CA GLU B 105 20.48 -21.05 12.98
C GLU B 105 20.20 -20.76 14.44
N ALA B 106 19.23 -21.47 15.00
CA ALA B 106 18.79 -21.25 16.36
C ALA B 106 18.61 -22.61 17.04
N SER B 107 18.73 -22.61 18.36
CA SER B 107 18.47 -23.82 19.12
C SER B 107 17.05 -23.79 19.66
N ARG B 108 16.65 -24.90 20.27
CA ARG B 108 15.36 -25.00 20.93
C ARG B 108 15.26 -24.10 22.15
N PHE B 109 16.37 -23.53 22.60
CA PHE B 109 16.40 -22.65 23.75
C PHE B 109 16.45 -21.18 23.38
N PHE B 110 16.15 -20.83 22.12
CA PHE B 110 16.01 -19.46 21.67
C PHE B 110 14.55 -19.17 21.31
N GLN B 111 14.14 -17.93 21.53
CA GLN B 111 12.77 -17.54 21.24
C GLN B 111 12.75 -16.19 20.52
N GLY B 112 11.75 -16.01 19.67
CA GLY B 112 11.59 -14.80 18.91
C GLY B 112 10.88 -15.08 17.60
N ALA B 113 10.29 -14.04 17.03
CA ALA B 113 9.53 -14.17 15.80
C ALA B 113 10.00 -13.13 14.78
N LEU B 114 10.14 -13.56 13.54
CA LEU B 114 10.51 -12.68 12.44
C LEU B 114 9.43 -12.68 11.37
N LEU B 115 9.31 -11.55 10.69
CA LEU B 115 8.52 -11.45 9.46
C LEU B 115 9.49 -11.36 8.29
N VAL B 116 9.27 -12.18 7.26
CA VAL B 116 10.05 -12.15 6.03
C VAL B 116 9.11 -11.79 4.90
N VAL B 117 9.32 -10.63 4.30
CA VAL B 117 8.38 -10.08 3.34
C VAL B 117 9.13 -9.52 2.14
N CYS B 118 8.60 -9.75 0.94
CA CYS B 118 9.10 -9.18 -0.29
C CYS B 118 8.15 -8.10 -0.77
N VAL B 119 8.62 -6.86 -0.80
CA VAL B 119 7.79 -5.68 -1.03
C VAL B 119 8.12 -5.14 -2.42
N PRO B 120 7.24 -5.30 -3.40
CA PRO B 120 7.48 -4.69 -4.72
C PRO B 120 7.40 -3.17 -4.65
N GLN B 121 8.26 -2.49 -5.40
CA GLN B 121 8.35 -1.03 -5.44
C GLN B 121 8.31 -0.42 -4.05
N ALA B 122 9.36 -0.69 -3.27
CA ALA B 122 9.41 -0.27 -1.87
C ALA B 122 10.09 1.08 -1.75
N GLU B 123 9.42 2.10 -2.27
CA GLU B 123 9.93 3.46 -2.25
C GLU B 123 10.01 3.97 -0.81
N LYS B 124 11.20 4.38 -0.39
CA LYS B 124 11.47 4.78 0.98
C LYS B 124 11.53 6.30 1.11
N GLY B 125 11.05 6.80 2.24
CA GLY B 125 11.07 8.23 2.48
C GLY B 125 12.37 8.71 3.09
N CYS B 126 12.61 10.02 2.96
CA CYS B 126 13.83 10.64 3.47
C CYS B 126 13.66 11.08 4.92
N ALA B 127 14.78 11.07 5.65
CA ALA B 127 14.74 11.42 7.07
C ALA B 127 14.49 12.91 7.28
N VAL B 128 14.72 13.74 6.27
CA VAL B 128 14.32 15.14 6.27
C VAL B 128 13.28 15.31 5.17
N ILE B 129 12.09 15.78 5.53
CA ILE B 129 10.97 15.71 4.61
C ILE B 129 11.07 16.74 3.50
N THR B 130 12.03 17.65 3.56
CA THR B 130 12.26 18.62 2.49
C THR B 130 13.43 18.24 1.58
N ARG B 131 14.01 17.07 1.74
CA ARG B 131 15.16 16.64 0.95
C ARG B 131 14.89 15.28 0.31
N ASP B 132 15.93 14.72 -0.30
CA ASP B 132 15.82 13.50 -1.09
C ASP B 132 16.90 12.50 -0.70
N VAL B 133 16.55 11.22 -0.80
CA VAL B 133 17.43 10.13 -0.37
C VAL B 133 18.55 9.96 -1.39
N ASN B 134 19.78 9.77 -0.91
CA ASN B 134 20.84 9.42 -1.84
C ASN B 134 20.80 7.93 -2.14
N ALA B 135 21.47 7.54 -3.23
CA ALA B 135 21.41 6.16 -3.67
C ALA B 135 22.10 5.22 -2.68
N THR B 136 23.18 5.65 -2.04
CA THR B 136 23.86 4.79 -1.09
C THR B 136 23.02 4.49 0.15
N ALA B 137 22.12 5.39 0.54
CA ALA B 137 21.23 5.14 1.66
C ALA B 137 20.18 4.08 1.36
N LEU B 138 19.93 3.77 0.09
CA LEU B 138 18.90 2.79 -0.26
C LEU B 138 19.48 1.37 -0.28
N ASP B 139 20.68 1.20 -0.83
CA ASP B 139 21.26 -0.12 -0.89
C ASP B 139 22.76 -0.02 -1.12
N GLU B 140 23.46 -1.08 -0.73
CA GLU B 140 24.90 -1.20 -0.95
C GLU B 140 25.22 -2.61 -1.42
N GLY B 141 24.44 -3.10 -2.38
CA GLY B 141 24.71 -4.41 -2.95
C GLY B 141 24.43 -5.53 -1.95
N ASP B 142 25.40 -6.41 -1.79
CA ASP B 142 25.33 -7.56 -0.89
C ASP B 142 25.17 -7.15 0.56
N LYS B 143 25.67 -5.99 0.97
CA LYS B 143 25.58 -5.58 2.37
C LYS B 143 24.16 -5.16 2.74
N ALA B 144 23.71 -5.62 3.89
CA ALA B 144 22.35 -5.35 4.34
C ALA B 144 22.24 -3.98 5.00
N LYS B 145 21.10 -3.33 4.80
CA LYS B 145 20.77 -2.09 5.48
C LYS B 145 19.87 -2.40 6.67
N LYS B 146 20.01 -1.63 7.73
CA LYS B 146 19.32 -1.88 8.98
C LYS B 146 18.25 -0.84 9.25
N PHE B 147 17.18 -1.29 9.88
CA PHE B 147 16.17 -0.42 10.45
C PHE B 147 16.63 0.05 11.82
N THR B 148 15.95 1.05 12.36
CA THR B 148 16.21 1.51 13.72
C THR B 148 14.94 1.43 14.55
N ALA B 149 15.10 1.51 15.86
CA ALA B 149 13.95 1.43 16.75
C ALA B 149 13.06 2.66 16.63
N GLY B 150 13.66 3.83 16.43
CA GLY B 150 12.90 5.07 16.37
C GLY B 150 13.32 5.97 15.22
N SER B 151 12.79 7.19 15.22
CA SER B 151 13.03 8.14 14.15
C SER B 151 14.48 8.60 14.14
N VAL B 152 15.02 8.76 12.93
CA VAL B 152 16.35 9.32 12.73
C VAL B 152 16.20 10.70 12.09
N SER B 153 17.31 11.42 12.00
CA SER B 153 17.32 12.80 11.53
C SER B 153 18.52 13.07 10.62
N SER B 154 18.86 12.09 9.78
CA SER B 154 19.91 12.26 8.80
C SER B 154 19.46 13.24 7.72
N GLN B 155 20.44 13.97 7.17
CA GLN B 155 20.11 15.02 6.21
C GLN B 155 19.57 14.46 4.91
N ASN B 156 20.22 13.42 4.36
CA ASN B 156 19.79 12.80 3.11
C ASN B 156 19.59 11.30 3.26
N GLY B 157 19.44 10.80 4.48
CA GLY B 157 19.27 9.38 4.69
C GLY B 157 17.81 8.92 4.63
N VAL B 158 17.63 7.62 4.81
CA VAL B 158 16.31 7.02 4.87
C VAL B 158 15.74 7.16 6.27
N GLN B 159 14.46 7.48 6.37
CA GLN B 159 13.76 7.38 7.64
C GLN B 159 13.58 5.91 8.00
N THR B 160 14.39 5.40 8.91
CA THR B 160 14.52 3.97 9.15
C THR B 160 13.77 3.48 10.38
N ALA B 161 12.89 4.29 10.96
CA ALA B 161 12.08 3.85 12.09
C ALA B 161 11.28 2.61 11.70
N VAL B 162 11.46 1.51 12.44
CA VAL B 162 11.02 0.22 11.94
C VAL B 162 9.50 0.13 11.87
N TYR B 163 8.79 0.71 12.84
CA TYR B 163 7.35 0.51 12.88
C TYR B 163 6.61 1.27 11.79
N ASN B 164 7.30 2.09 10.99
CA ASN B 164 6.72 2.62 9.77
C ASN B 164 7.33 2.02 8.51
N ALA B 165 8.29 1.10 8.67
CA ALA B 165 8.84 0.28 7.58
C ALA B 165 9.49 1.14 6.50
N ALA B 166 9.87 2.36 6.86
CA ALA B 166 10.50 3.32 5.96
C ALA B 166 9.63 3.71 4.78
N MET B 167 8.33 3.40 4.82
CA MET B 167 7.45 3.79 3.73
C MET B 167 6.23 4.57 4.20
N GLY B 168 6.09 4.84 5.49
CA GLY B 168 4.95 5.60 5.98
C GLY B 168 3.68 4.80 6.16
N VAL B 169 3.78 3.48 6.38
CA VAL B 169 2.64 2.63 6.64
C VAL B 169 2.87 1.93 7.97
N ALA B 170 1.79 1.42 8.55
CA ALA B 170 1.91 0.58 9.74
C ALA B 170 2.57 -0.73 9.37
N VAL B 171 3.64 -1.09 10.10
CA VAL B 171 4.44 -2.26 9.74
C VAL B 171 3.65 -3.55 9.92
N GLY B 172 2.68 -3.56 10.84
CA GLY B 172 1.81 -4.70 11.00
C GLY B 172 0.93 -5.00 9.80
N ASN B 173 0.79 -4.05 8.87
CA ASN B 173 0.01 -4.26 7.66
C ASN B 173 0.85 -4.78 6.50
N LEU B 174 2.12 -5.11 6.72
CA LEU B 174 2.98 -5.58 5.64
C LEU B 174 2.68 -7.00 5.22
N THR B 175 1.75 -7.70 5.87
CA THR B 175 1.34 -9.03 5.44
C THR B 175 0.53 -9.03 4.16
N ILE B 176 0.18 -7.86 3.62
CA ILE B 176 -0.48 -7.81 2.32
C ILE B 176 0.46 -8.20 1.19
N PHE B 177 1.77 -8.12 1.40
CA PHE B 177 2.78 -8.57 0.46
C PHE B 177 3.13 -10.04 0.71
N PRO B 178 3.69 -10.74 -0.29
CA PRO B 178 4.13 -12.12 -0.07
C PRO B 178 5.11 -12.23 1.08
N HIS B 179 4.84 -13.16 2.00
CA HIS B 179 5.51 -13.14 3.29
C HIS B 179 5.48 -14.53 3.92
N GLN B 180 6.34 -14.70 4.91
CA GLN B 180 6.33 -15.88 5.77
C GLN B 180 6.76 -15.45 7.17
N TRP B 181 6.09 -15.99 8.18
CA TRP B 181 6.49 -15.80 9.57
C TRP B 181 7.50 -16.88 9.96
N ILE B 182 8.49 -16.50 10.74
CA ILE B 182 9.41 -17.42 11.37
C ILE B 182 9.22 -17.29 12.87
N ASN B 183 8.62 -18.30 13.48
CA ASN B 183 8.52 -18.39 14.93
C ASN B 183 9.51 -19.45 15.39
N LEU B 184 10.46 -19.06 16.24
CA LEU B 184 11.57 -19.95 16.57
C LEU B 184 11.13 -21.19 17.35
N LYS B 185 9.93 -21.20 17.91
CA LYS B 185 9.46 -22.42 18.54
C LYS B 185 8.79 -23.38 17.57
N THR B 186 8.49 -22.95 16.34
CA THR B 186 7.88 -23.83 15.34
C THR B 186 8.69 -23.99 14.07
N ASN B 187 9.34 -22.96 13.56
CA ASN B 187 10.09 -23.09 12.31
C ASN B 187 11.25 -22.11 12.30
N ASN B 188 12.22 -22.38 11.42
CA ASN B 188 13.41 -21.54 11.37
C ASN B 188 13.77 -21.09 9.95
N SER B 189 12.90 -21.27 8.96
CA SER B 189 13.26 -20.86 7.61
C SER B 189 12.02 -20.43 6.84
N ALA B 190 12.26 -19.66 5.78
CA ALA B 190 11.22 -19.17 4.90
C ALA B 190 11.68 -19.31 3.46
N THR B 191 10.74 -19.65 2.57
CA THR B 191 11.00 -19.73 1.15
C THR B 191 9.93 -18.92 0.41
N ILE B 192 10.37 -17.91 -0.34
CA ILE B 192 9.47 -17.08 -1.13
C ILE B 192 9.93 -17.12 -2.57
N VAL B 193 9.01 -17.43 -3.48
CA VAL B 193 9.28 -17.42 -4.92
C VAL B 193 8.64 -16.15 -5.47
N LYS B 194 9.47 -15.29 -6.07
CA LYS B 194 8.99 -14.01 -6.55
C LYS B 194 8.98 -14.00 -8.07
N PRO B 195 7.83 -13.81 -8.71
CA PRO B 195 7.82 -13.58 -10.16
C PRO B 195 8.29 -12.17 -10.47
N TYR B 196 8.53 -11.92 -11.76
CA TYR B 196 8.85 -10.57 -12.20
C TYR B 196 7.58 -9.72 -12.17
N ILE B 197 7.68 -8.53 -11.57
CA ILE B 197 6.51 -7.67 -11.36
C ILE B 197 6.92 -6.24 -11.70
N ASN B 198 6.33 -5.71 -12.77
CA ASN B 198 6.66 -4.38 -13.24
C ASN B 198 5.55 -3.90 -14.18
N SER B 199 5.52 -2.59 -14.42
CA SER B 199 4.56 -2.03 -15.36
C SER B 199 5.01 -2.17 -16.82
N ILE B 200 6.24 -2.59 -17.07
CA ILE B 200 6.71 -2.83 -18.43
C ILE B 200 7.34 -4.22 -18.47
N PRO B 201 7.42 -4.83 -19.65
CA PRO B 201 7.98 -6.19 -19.72
C PRO B 201 9.44 -6.30 -19.30
N MET B 202 10.24 -5.25 -19.46
CA MET B 202 11.65 -5.30 -19.14
C MET B 202 12.11 -3.91 -18.72
N GLU B 203 13.24 -3.85 -18.03
CA GLU B 203 13.73 -2.60 -17.48
C GLU B 203 15.23 -2.71 -17.24
N ASN B 204 15.86 -1.55 -17.00
CA ASN B 204 17.26 -1.50 -16.65
C ASN B 204 17.47 -1.94 -15.21
N MET B 205 18.42 -2.84 -14.98
CA MET B 205 18.54 -3.45 -13.66
C MET B 205 19.42 -2.66 -12.72
N TYR B 206 20.10 -1.63 -13.21
CA TYR B 206 20.83 -0.71 -12.33
C TYR B 206 20.00 0.49 -11.91
N ARG B 207 18.93 0.77 -12.63
CA ARG B 207 18.14 1.97 -12.41
C ARG B 207 16.90 1.73 -11.56
N HIS B 208 16.46 0.49 -11.41
CA HIS B 208 15.16 0.21 -10.80
C HIS B 208 15.26 -1.00 -9.90
N PHE B 209 14.89 -0.83 -8.63
CA PHE B 209 14.77 -1.93 -7.69
C PHE B 209 13.35 -2.46 -7.76
N ASN B 210 13.21 -3.69 -8.27
CA ASN B 210 11.88 -4.25 -8.50
C ASN B 210 11.17 -4.58 -7.20
N PHE B 211 11.88 -5.13 -6.21
CA PHE B 211 11.30 -5.37 -4.90
C PHE B 211 12.41 -5.34 -3.85
N THR B 212 11.98 -5.29 -2.60
CA THR B 212 12.86 -5.24 -1.44
C THR B 212 12.52 -6.38 -0.50
N LEU B 213 13.54 -7.12 -0.06
CA LEU B 213 13.36 -8.14 0.96
C LEU B 213 13.58 -7.53 2.33
N MET B 214 12.62 -7.73 3.23
CA MET B 214 12.71 -7.24 4.60
C MET B 214 12.60 -8.39 5.58
N VAL B 215 13.43 -8.35 6.62
CA VAL B 215 13.39 -9.33 7.71
C VAL B 215 13.27 -8.53 9.00
N ILE B 216 12.08 -8.54 9.59
CA ILE B 216 11.75 -7.67 10.71
C ILE B 216 11.36 -8.51 11.92
N PRO B 217 12.06 -8.42 13.05
CA PRO B 217 11.67 -9.14 14.26
C PRO B 217 10.51 -8.45 14.98
N PHE B 218 9.34 -9.08 14.94
CA PHE B 218 8.18 -8.62 15.69
C PHE B 218 8.27 -8.98 17.16
N VAL B 219 8.83 -10.15 17.47
CA VAL B 219 9.11 -10.59 18.83
C VAL B 219 10.62 -10.70 18.97
N PRO B 220 11.22 -10.01 19.94
CA PRO B 220 12.69 -9.97 20.01
C PRO B 220 13.29 -11.30 20.45
N LEU B 221 14.56 -11.47 20.10
CA LEU B 221 15.33 -12.64 20.50
C LEU B 221 15.57 -12.63 22.02
N GLU B 222 15.52 -13.80 22.65
CA GLU B 222 15.82 -13.93 24.06
C GLU B 222 16.31 -15.34 24.35
N TRP B 223 17.15 -15.46 25.38
CA TRP B 223 17.81 -16.71 25.74
C TRP B 223 18.28 -16.61 27.18
N SER B 224 18.80 -17.71 27.71
CA SER B 224 19.34 -17.70 29.06
C SER B 224 20.82 -17.31 29.06
N VAL B 225 21.31 -16.96 30.25
CA VAL B 225 22.68 -16.49 30.40
C VAL B 225 23.64 -17.63 30.11
N GLY B 226 24.66 -17.35 29.30
CA GLY B 226 25.64 -18.34 28.90
C GLY B 226 25.42 -18.91 27.51
N ALA B 227 24.22 -18.76 26.97
CA ALA B 227 23.94 -19.22 25.63
C ALA B 227 24.50 -18.25 24.59
N CYS B 228 24.52 -18.69 23.34
CA CYS B 228 24.91 -17.82 22.25
C CYS B 228 24.01 -16.59 22.21
N THR B 229 24.61 -15.43 22.01
CA THR B 229 23.90 -14.17 22.15
C THR B 229 23.30 -13.68 20.84
N TYR B 230 23.36 -14.47 19.78
CA TYR B 230 22.81 -14.08 18.50
C TYR B 230 22.37 -15.33 17.74
N VAL B 231 21.51 -15.11 16.76
CA VAL B 231 21.08 -16.14 15.83
C VAL B 231 21.51 -15.70 14.44
N PRO B 232 22.39 -16.43 13.76
CA PRO B 232 22.71 -16.07 12.37
C PRO B 232 21.49 -16.24 11.47
N ILE B 233 21.37 -15.32 10.50
CA ILE B 233 20.33 -15.37 9.49
C ILE B 233 21.00 -15.32 8.11
N THR B 234 20.72 -16.33 7.28
CA THR B 234 21.35 -16.46 5.98
C THR B 234 20.30 -16.32 4.89
N VAL B 235 20.62 -15.51 3.88
CA VAL B 235 19.76 -15.28 2.72
C VAL B 235 20.43 -15.92 1.52
N THR B 236 19.69 -16.76 0.80
CA THR B 236 20.17 -17.41 -0.41
C THR B 236 19.20 -17.14 -1.54
N VAL B 237 19.72 -16.73 -2.68
CA VAL B 237 18.94 -16.25 -3.81
C VAL B 237 19.30 -17.06 -5.05
N ALA B 238 18.29 -17.49 -5.79
CA ALA B 238 18.50 -18.12 -7.08
C ALA B 238 17.65 -17.42 -8.14
N PRO B 239 18.26 -16.71 -9.08
CA PRO B 239 17.48 -16.11 -10.17
C PRO B 239 16.78 -17.16 -11.00
N GLN B 240 15.56 -16.84 -11.43
CA GLN B 240 14.72 -17.74 -12.19
C GLN B 240 14.27 -17.05 -13.47
N ASN B 241 14.53 -17.69 -14.61
CA ASN B 241 14.03 -17.22 -15.91
C ASN B 241 14.52 -15.81 -16.24
N ALA B 242 15.83 -15.60 -16.12
CA ALA B 242 16.41 -14.30 -16.44
C ALA B 242 16.51 -14.12 -17.94
N GLU B 243 16.11 -12.94 -18.41
CA GLU B 243 15.97 -12.66 -19.83
C GLU B 243 16.54 -11.27 -20.11
N TYR B 244 17.23 -11.12 -21.24
CA TYR B 244 17.92 -9.88 -21.58
C TYR B 244 17.68 -9.54 -23.04
N ILE B 245 17.97 -8.28 -23.39
CA ILE B 245 17.89 -7.84 -24.78
C ILE B 245 18.99 -8.47 -25.60
N GLY B 246 18.66 -8.83 -26.84
CA GLY B 246 19.64 -9.42 -27.73
C GLY B 246 20.66 -8.40 -28.20
N LEU B 247 21.86 -8.89 -28.50
CA LEU B 247 22.97 -8.02 -28.89
C LEU B 247 23.35 -8.17 -30.36
N ARG B 248 22.64 -8.98 -31.13
CA ARG B 248 22.98 -9.25 -32.51
C ARG B 248 22.10 -8.43 -33.46
N LEU B 249 22.52 -8.42 -34.73
CA LEU B 249 21.80 -7.72 -35.77
C LEU B 249 20.54 -8.46 -36.16
N ALA B 250 19.57 -7.74 -36.72
CA ALA B 250 18.28 -8.31 -37.09
C ALA B 250 18.37 -9.10 -38.39
N GLY C 1 -40.24 9.39 -32.61
CA GLY C 1 -40.59 10.71 -33.09
C GLY C 1 -39.51 11.74 -32.90
N ASN C 2 -39.12 12.39 -33.98
CA ASN C 2 -38.08 13.43 -33.98
C ASN C 2 -38.43 14.63 -33.08
N PRO C 3 -39.65 15.17 -33.11
CA PRO C 3 -39.97 16.26 -32.18
C PRO C 3 -40.03 15.77 -30.74
N THR C 4 -39.29 16.47 -29.88
CA THR C 4 -39.11 16.01 -28.50
C THR C 4 -39.36 17.16 -27.53
N GLN C 5 -39.35 16.81 -26.24
CA GLN C 5 -39.45 17.76 -25.14
C GLN C 5 -38.28 17.51 -24.19
N LEU C 6 -37.71 18.59 -23.67
CA LEU C 6 -36.65 18.48 -22.68
C LEU C 6 -37.26 18.50 -21.29
N VAL C 7 -36.82 17.55 -20.46
CA VAL C 7 -37.46 17.28 -19.17
C VAL C 7 -36.67 17.97 -18.07
N PRO C 8 -37.22 18.11 -16.85
CA PRO C 8 -36.43 18.62 -15.73
C PRO C 8 -35.20 17.75 -15.48
N GLY C 9 -34.08 18.40 -15.22
CA GLY C 9 -32.80 17.72 -15.13
C GLY C 9 -31.94 17.83 -16.38
N SER C 10 -32.47 18.40 -17.46
CA SER C 10 -31.69 18.65 -18.66
C SER C 10 -30.68 19.77 -18.42
N ASN C 11 -29.48 19.59 -18.99
CA ASN C 11 -28.40 20.59 -18.96
C ASN C 11 -27.79 20.80 -17.58
N MET C 12 -28.02 19.89 -16.64
CA MET C 12 -27.44 20.01 -15.31
C MET C 12 -26.23 19.08 -15.22
N TYR C 13 -25.34 19.39 -14.29
CA TYR C 13 -24.20 18.53 -13.99
C TYR C 13 -24.45 17.85 -12.66
N LEU C 14 -24.74 16.56 -12.70
CA LEU C 14 -24.82 15.71 -11.52
C LEU C 14 -23.50 14.95 -11.42
N THR C 15 -22.79 15.12 -10.31
CA THR C 15 -21.45 14.54 -10.19
C THR C 15 -21.45 13.02 -10.17
N SER C 16 -22.60 12.40 -9.95
CA SER C 16 -22.69 10.94 -10.02
C SER C 16 -23.37 10.46 -11.29
N ASP C 17 -23.49 11.30 -12.32
CA ASP C 17 -24.12 10.85 -13.55
C ASP C 17 -23.23 9.84 -14.26
N ASP C 18 -23.82 9.10 -15.18
CA ASP C 18 -23.09 8.11 -15.99
C ASP C 18 -23.56 8.24 -17.43
N PHE C 19 -22.93 9.14 -18.16
CA PHE C 19 -23.26 9.40 -19.56
C PHE C 19 -22.04 9.19 -20.44
N ARG C 20 -22.29 8.94 -21.72
CA ARG C 20 -21.23 8.80 -22.69
C ARG C 20 -20.56 10.16 -22.89
N SER C 21 -19.24 10.18 -22.84
CA SER C 21 -18.45 11.40 -22.92
C SER C 21 -17.70 11.48 -24.26
N PRO C 22 -17.55 12.68 -24.82
CA PRO C 22 -16.75 12.81 -26.04
C PRO C 22 -15.27 12.56 -25.78
N GLU C 23 -14.62 11.93 -26.74
CA GLU C 23 -13.23 11.53 -26.60
C GLU C 23 -12.29 12.57 -27.20
N ALA C 24 -11.32 13.00 -26.40
CA ALA C 24 -10.37 14.02 -26.83
C ALA C 24 -9.29 13.48 -27.76
N MET C 25 -8.98 12.18 -27.70
CA MET C 25 -7.91 11.58 -28.48
C MET C 25 -8.43 10.35 -29.20
N PRO C 26 -9.32 10.51 -30.19
CA PRO C 26 -9.89 9.34 -30.86
C PRO C 26 -8.95 8.65 -31.83
N GLN C 27 -7.86 9.28 -32.26
CA GLN C 27 -6.92 8.65 -33.17
C GLN C 27 -5.80 7.91 -32.45
N PHE C 28 -5.77 7.97 -31.12
CA PHE C 28 -4.67 7.43 -30.34
C PHE C 28 -4.89 5.94 -30.08
N GLU C 29 -3.93 5.12 -30.47
CA GLU C 29 -3.96 3.69 -30.17
C GLU C 29 -3.26 3.45 -28.83
N VAL C 30 -4.01 2.93 -27.86
CA VAL C 30 -3.49 2.81 -26.50
C VAL C 30 -2.62 1.56 -26.38
N THR C 31 -1.68 1.60 -25.44
CA THR C 31 -0.82 0.47 -25.18
C THR C 31 -1.66 -0.74 -24.78
N PRO C 32 -1.48 -1.89 -25.42
CA PRO C 32 -2.27 -3.07 -25.03
C PRO C 32 -1.94 -3.51 -23.62
N GLU C 33 -2.93 -4.11 -22.97
CA GLU C 33 -2.73 -4.64 -21.64
C GLU C 33 -1.84 -5.87 -21.68
N MET C 34 -1.03 -6.04 -20.64
CA MET C 34 -0.23 -7.22 -20.43
C MET C 34 -0.55 -7.82 -19.07
N PHE C 35 -0.35 -9.12 -18.93
CA PHE C 35 -0.61 -9.77 -17.65
C PHE C 35 0.38 -9.28 -16.60
N ILE C 36 -0.16 -8.85 -15.46
CA ILE C 36 0.64 -8.49 -14.30
C ILE C 36 0.15 -9.36 -13.14
N PRO C 37 1.04 -9.95 -12.35
CA PRO C 37 0.58 -10.71 -11.18
C PRO C 37 -0.06 -9.81 -10.14
N GLY C 38 -0.99 -10.37 -9.39
CA GLY C 38 -1.59 -9.68 -8.27
C GLY C 38 -2.73 -8.73 -8.58
N GLU C 39 -3.52 -9.00 -9.62
CA GLU C 39 -4.65 -8.12 -9.94
C GLU C 39 -5.72 -8.19 -8.85
N VAL C 40 -6.24 -7.02 -8.49
CA VAL C 40 -7.28 -6.87 -7.49
C VAL C 40 -8.58 -6.49 -8.19
N HIS C 41 -9.65 -7.19 -7.86
CA HIS C 41 -10.97 -6.88 -8.36
C HIS C 41 -11.90 -6.23 -7.34
N ASN C 42 -11.68 -6.47 -6.05
CA ASN C 42 -12.58 -6.01 -5.01
C ASN C 42 -11.79 -5.73 -3.75
N LEU C 43 -12.17 -4.65 -3.05
CA LEU C 43 -11.44 -4.23 -1.85
C LEU C 43 -11.58 -5.23 -0.71
N MET C 44 -12.56 -6.12 -0.75
CA MET C 44 -12.67 -7.13 0.29
C MET C 44 -11.57 -8.17 0.21
N GLU C 45 -10.87 -8.29 -0.92
CA GLU C 45 -9.71 -9.15 -0.97
C GLU C 45 -8.60 -8.67 -0.04
N ILE C 46 -8.43 -7.35 0.08
CA ILE C 46 -7.47 -6.80 1.04
C ILE C 46 -7.88 -7.13 2.47
N ALA C 47 -9.15 -6.95 2.80
CA ALA C 47 -9.64 -7.14 4.16
C ALA C 47 -9.60 -8.60 4.60
N GLU C 48 -9.51 -9.55 3.68
CA GLU C 48 -9.45 -10.97 4.02
C GLU C 48 -8.05 -11.44 4.32
N THR C 49 -7.07 -10.54 4.31
CA THR C 49 -5.69 -10.87 4.62
C THR C 49 -5.40 -10.53 6.07
N ASP C 50 -4.78 -11.45 6.79
CA ASP C 50 -4.41 -11.22 8.17
C ASP C 50 -3.41 -10.08 8.29
N SER C 51 -3.61 -9.23 9.30
CA SER C 51 -2.63 -8.24 9.69
C SER C 51 -2.47 -8.30 11.21
N THR C 52 -1.33 -7.83 11.68
CA THR C 52 -1.03 -7.85 13.11
C THR C 52 -1.83 -6.79 13.84
N VAL C 53 -2.43 -7.17 14.97
CA VAL C 53 -3.23 -6.27 15.78
C VAL C 53 -2.32 -5.61 16.82
N PRO C 54 -2.32 -4.29 16.95
CA PRO C 54 -1.59 -3.67 18.05
C PRO C 54 -2.37 -3.72 19.36
N VAL C 55 -2.46 -4.92 19.95
CA VAL C 55 -3.24 -5.11 21.18
C VAL C 55 -2.65 -4.29 22.32
N ASN C 56 -1.34 -4.10 22.33
CA ASN C 56 -0.65 -3.40 23.41
C ASN C 56 -0.48 -1.91 23.08
N ASN C 57 -1.59 -1.28 22.68
CA ASN C 57 -1.55 0.14 22.37
C ASN C 57 -1.66 1.00 23.62
N VAL C 58 -0.74 0.83 24.57
CA VAL C 58 -0.80 1.51 25.85
C VAL C 58 0.46 2.36 26.01
N GLY C 59 0.27 3.65 26.27
CA GLY C 59 1.39 4.51 26.56
C GLY C 59 2.25 4.74 25.34
N MET C 60 3.56 4.59 25.52
CA MET C 60 4.51 4.83 24.44
C MET C 60 4.68 3.64 23.52
N ALA C 61 4.00 2.52 23.81
CA ALA C 61 4.17 1.31 23.00
C ALA C 61 3.71 1.50 21.56
N VAL C 62 2.86 2.49 21.27
CA VAL C 62 2.45 2.76 19.90
C VAL C 62 3.56 3.36 19.06
N ASN C 63 4.62 3.87 19.68
CA ASN C 63 5.76 4.45 18.98
C ASN C 63 6.92 3.48 18.86
N SER C 64 6.64 2.19 18.72
CA SER C 64 7.68 1.18 18.61
C SER C 64 7.03 -0.13 18.18
N MET C 65 7.81 -1.20 18.23
CA MET C 65 7.31 -2.53 17.92
C MET C 65 6.63 -3.21 19.11
N GLU C 66 6.56 -2.55 20.27
CA GLU C 66 5.95 -3.14 21.45
C GLU C 66 4.43 -3.15 21.39
N ALA C 67 3.82 -2.30 20.57
CA ALA C 67 2.37 -2.31 20.44
C ALA C 67 1.85 -3.64 19.93
N TYR C 68 2.66 -4.38 19.17
CA TYR C 68 2.22 -5.60 18.51
C TYR C 68 2.43 -6.85 19.34
N ARG C 69 2.99 -6.73 20.53
CA ARG C 69 3.34 -7.90 21.33
C ARG C 69 2.78 -7.78 22.74
N ILE C 70 2.24 -8.89 23.24
CA ILE C 70 1.61 -8.95 24.55
C ILE C 70 2.55 -9.75 25.46
N GLY C 71 3.01 -9.11 26.53
CA GLY C 71 4.00 -9.73 27.40
C GLY C 71 3.38 -10.69 28.39
N VAL C 72 4.03 -11.82 28.59
CA VAL C 72 3.58 -12.85 29.53
C VAL C 72 4.78 -13.24 30.39
N ASN C 73 4.66 -13.04 31.70
CA ASN C 73 5.79 -13.45 32.52
C ASN C 73 5.59 -14.87 33.02
N PRO C 74 6.65 -15.67 33.11
CA PRO C 74 6.50 -17.03 33.66
C PRO C 74 6.31 -17.01 35.17
N ASN C 75 5.72 -18.10 35.67
CA ASN C 75 5.61 -18.39 37.09
C ASN C 75 4.69 -17.42 37.83
N THR C 76 3.79 -16.72 37.13
CA THR C 76 2.93 -15.75 37.80
C THR C 76 1.55 -15.75 37.17
N GLY C 77 0.58 -15.27 37.93
CA GLY C 77 -0.65 -14.71 37.38
C GLY C 77 -1.81 -15.64 37.13
N SER C 78 -1.83 -16.84 37.72
CA SER C 78 -2.92 -17.78 37.47
C SER C 78 -4.26 -17.17 37.86
N GLY C 79 -5.23 -17.23 36.95
CA GLY C 79 -6.55 -16.71 37.19
C GLY C 79 -6.75 -15.25 36.84
N THR C 80 -5.73 -14.55 36.39
CA THR C 80 -5.83 -13.14 36.03
C THR C 80 -6.01 -12.99 34.53
N GLN C 81 -6.46 -11.81 34.13
CA GLN C 81 -6.65 -11.50 32.72
C GLN C 81 -5.33 -11.07 32.08
N VAL C 82 -5.07 -11.58 30.88
CA VAL C 82 -3.88 -11.18 30.15
C VAL C 82 -4.14 -9.93 29.31
N TYR C 83 -5.24 -9.93 28.57
CA TYR C 83 -5.63 -8.78 27.75
C TYR C 83 -7.08 -8.98 27.33
N GLY C 84 -7.66 -7.92 26.77
CA GLY C 84 -9.00 -7.99 26.24
C GLY C 84 -9.34 -6.71 25.51
N TRP C 85 -10.31 -6.82 24.60
CA TRP C 85 -10.73 -5.66 23.83
C TRP C 85 -12.13 -5.89 23.29
N PRO C 86 -12.87 -4.82 23.01
CA PRO C 86 -14.19 -4.97 22.40
C PRO C 86 -14.09 -5.38 20.93
N LEU C 87 -15.19 -5.95 20.44
CA LEU C 87 -15.26 -6.45 19.07
C LEU C 87 -15.85 -5.41 18.13
N ASN C 88 -15.11 -4.32 17.95
CA ASN C 88 -15.48 -3.25 17.03
C ASN C 88 -14.32 -3.02 16.06
N PRO C 89 -14.24 -3.79 14.98
CA PRO C 89 -13.05 -3.74 14.11
C PRO C 89 -12.91 -2.44 13.35
N GLY C 90 -13.90 -1.56 13.38
CA GLY C 90 -13.78 -0.31 12.66
C GLY C 90 -13.44 0.88 13.52
N LYS C 91 -13.95 0.92 14.75
CA LYS C 91 -13.86 2.12 15.57
C LYS C 91 -12.89 2.01 16.74
N SER C 92 -12.59 0.80 17.20
CA SER C 92 -11.70 0.63 18.34
C SER C 92 -10.26 0.98 17.97
N SER C 93 -9.54 1.57 18.93
CA SER C 93 -8.12 1.84 18.73
C SER C 93 -7.30 0.59 18.53
N VAL C 94 -7.80 -0.56 18.98
CA VAL C 94 -7.11 -1.83 18.78
C VAL C 94 -7.12 -2.25 17.31
N PHE C 95 -8.21 -1.98 16.59
CA PHE C 95 -8.38 -2.54 15.26
C PHE C 95 -8.40 -1.53 14.12
N LYS C 96 -8.50 -0.23 14.40
CA LYS C 96 -8.79 0.73 13.34
C LYS C 96 -7.66 0.93 12.34
N ARG C 97 -6.43 0.53 12.65
CA ARG C 97 -5.31 0.74 11.76
C ARG C 97 -4.81 -0.55 11.10
N THR C 98 -5.52 -1.66 11.26
CA THR C 98 -5.17 -2.90 10.58
C THR C 98 -5.73 -2.89 9.16
N ASN C 99 -5.37 -3.90 8.38
CA ASN C 99 -5.87 -3.98 7.00
C ASN C 99 -7.39 -4.05 6.97
N LEU C 100 -7.98 -4.83 7.86
CA LEU C 100 -9.44 -4.90 7.95
C LEU C 100 -10.03 -3.59 8.42
N GLY C 101 -9.40 -2.97 9.41
CA GLY C 101 -9.95 -1.76 10.00
C GLY C 101 -9.97 -0.58 9.04
N GLU C 102 -8.88 -0.38 8.31
CA GLU C 102 -8.81 0.76 7.40
C GLU C 102 -9.79 0.63 6.24
N ILE C 103 -10.03 -0.60 5.77
CA ILE C 103 -11.04 -0.79 4.74
C ILE C 103 -12.42 -0.46 5.27
N LEU C 104 -12.73 -0.90 6.49
CA LEU C 104 -14.06 -0.66 7.05
C LEU C 104 -14.32 0.81 7.35
N ASN C 105 -13.28 1.61 7.57
CA ASN C 105 -13.52 3.03 7.82
C ASN C 105 -13.90 3.81 6.57
N TYR C 106 -13.89 3.18 5.40
CA TYR C 106 -14.37 3.81 4.18
C TYR C 106 -15.86 3.61 3.95
N PHE C 107 -16.55 2.90 4.84
CA PHE C 107 -17.95 2.56 4.63
C PHE C 107 -18.76 2.86 5.88
N ALA C 108 -19.99 3.34 5.68
CA ALA C 108 -20.82 3.74 6.82
C ALA C 108 -21.43 2.55 7.54
N HIS C 109 -21.71 1.45 6.84
CA HIS C 109 -22.28 0.27 7.45
C HIS C 109 -21.56 -0.97 6.97
N TRP C 110 -21.36 -1.92 7.86
CA TRP C 110 -20.74 -3.19 7.47
C TRP C 110 -21.16 -4.26 8.46
N SER C 111 -20.99 -5.52 8.05
CA SER C 111 -21.32 -6.65 8.89
C SER C 111 -20.70 -7.92 8.32
N GLY C 112 -20.48 -8.88 9.19
CA GLY C 112 -19.82 -10.12 8.82
C GLY C 112 -19.29 -10.80 10.07
N SER C 113 -18.23 -11.57 9.88
CA SER C 113 -17.54 -12.24 10.97
C SER C 113 -16.03 -12.08 10.80
N ILE C 114 -15.32 -11.96 11.92
CA ILE C 114 -13.88 -11.75 11.90
C ILE C 114 -13.18 -13.02 12.39
N GLN C 115 -11.97 -13.24 11.87
CA GLN C 115 -11.12 -14.36 12.26
C GLN C 115 -9.96 -13.83 13.08
N LEU C 116 -9.81 -14.32 14.31
CA LEU C 116 -8.75 -13.90 15.21
C LEU C 116 -7.78 -15.05 15.45
N THR C 117 -6.50 -14.79 15.23
CA THR C 117 -5.44 -15.78 15.40
C THR C 117 -4.53 -15.33 16.53
N PHE C 118 -4.26 -16.22 17.47
CA PHE C 118 -3.34 -15.97 18.57
C PHE C 118 -2.15 -16.89 18.46
N VAL C 119 -0.94 -16.32 18.51
CA VAL C 119 0.30 -17.06 18.36
C VAL C 119 1.15 -16.85 19.59
N PHE C 120 1.60 -17.94 20.20
CA PHE C 120 2.50 -17.88 21.35
C PHE C 120 3.94 -17.92 20.85
N CYS C 121 4.66 -16.83 21.04
CA CYS C 121 6.06 -16.76 20.63
C CYS C 121 7.03 -16.93 21.79
N GLY C 122 6.90 -18.01 22.55
CA GLY C 122 7.86 -18.30 23.58
C GLY C 122 8.77 -19.43 23.16
N SER C 123 9.59 -19.95 24.07
CA SER C 123 10.41 -21.10 23.73
C SER C 123 9.54 -22.35 23.59
N ALA C 124 10.07 -23.34 22.88
CA ALA C 124 9.35 -24.61 22.76
C ALA C 124 9.25 -25.33 24.09
N GLN C 125 10.00 -24.90 25.09
CA GLN C 125 9.97 -25.51 26.42
C GLN C 125 9.02 -24.82 27.38
N ALA C 126 8.36 -23.74 26.99
CA ALA C 126 7.44 -23.06 27.89
C ALA C 126 6.03 -23.60 27.70
N THR C 127 5.42 -24.02 28.80
CA THR C 127 4.12 -24.65 28.74
C THR C 127 3.18 -23.97 29.72
N GLY C 128 1.89 -24.00 29.38
CA GLY C 128 0.87 -23.40 30.21
C GLY C 128 -0.46 -23.42 29.47
N LYS C 129 -1.49 -22.93 30.15
CA LYS C 129 -2.84 -22.94 29.61
C LYS C 129 -3.46 -21.56 29.67
N PHE C 130 -4.10 -21.15 28.57
CA PHE C 130 -4.83 -19.90 28.50
C PHE C 130 -6.31 -20.18 28.22
N LEU C 131 -7.17 -19.35 28.79
CA LEU C 131 -8.59 -19.36 28.47
C LEU C 131 -8.90 -18.15 27.58
N LEU C 132 -9.37 -18.41 26.37
CA LEU C 132 -9.84 -17.36 25.47
C LEU C 132 -11.37 -17.31 25.54
N ALA C 133 -11.91 -16.27 26.16
CA ALA C 133 -13.33 -16.17 26.42
C ALA C 133 -13.98 -15.17 25.47
N TYR C 134 -15.13 -15.55 24.91
CA TYR C 134 -15.91 -14.69 24.03
C TYR C 134 -17.21 -14.29 24.71
N SER C 135 -17.43 -12.99 24.86
CA SER C 135 -18.67 -12.45 25.39
C SER C 135 -19.54 -11.96 24.26
N PRO C 136 -20.77 -12.43 24.11
CA PRO C 136 -21.64 -11.97 23.03
C PRO C 136 -22.08 -10.53 23.25
N PRO C 137 -22.59 -9.86 22.21
CA PRO C 137 -22.95 -8.45 22.36
C PRO C 137 -24.01 -8.25 23.45
N GLY C 138 -23.84 -7.17 24.22
CA GLY C 138 -24.72 -6.84 25.31
C GLY C 138 -24.37 -7.48 26.63
N ALA C 139 -23.38 -8.36 26.68
CA ALA C 139 -23.08 -9.10 27.89
C ALA C 139 -22.04 -8.42 28.78
N GLY C 140 -20.98 -7.87 28.18
CA GLY C 140 -19.90 -7.32 28.96
C GLY C 140 -18.82 -8.34 29.27
N ALA C 141 -17.62 -7.82 29.54
CA ALA C 141 -16.48 -8.67 29.78
C ALA C 141 -16.65 -9.48 31.07
N PRO C 142 -16.11 -10.69 31.11
CA PRO C 142 -16.13 -11.46 32.36
C PRO C 142 -15.26 -10.79 33.41
N THR C 143 -15.57 -11.07 34.68
CA THR C 143 -14.85 -10.48 35.79
C THR C 143 -13.74 -11.37 36.33
N ASP C 144 -13.96 -12.69 36.39
CA ASP C 144 -12.97 -13.61 36.89
C ASP C 144 -12.84 -14.77 35.92
N ARG C 145 -11.88 -15.65 36.19
CA ARG C 145 -11.66 -16.81 35.34
C ARG C 145 -12.86 -17.76 35.36
N LYS C 146 -13.54 -17.84 36.50
CA LYS C 146 -14.71 -18.71 36.57
C LYS C 146 -15.82 -18.23 35.66
N GLY C 147 -16.08 -16.92 35.65
CA GLY C 147 -17.09 -16.39 34.76
C GLY C 147 -16.72 -16.54 33.30
N ALA C 148 -15.44 -16.37 32.97
CA ALA C 148 -14.99 -16.58 31.60
C ALA C 148 -15.19 -18.04 31.18
N ARG C 149 -14.91 -18.97 32.09
CA ARG C 149 -15.06 -20.39 31.78
C ARG C 149 -16.52 -20.79 31.66
N LEU C 150 -17.42 -20.10 32.36
CA LEU C 150 -18.84 -20.43 32.29
C LEU C 150 -19.50 -19.99 30.99
N GLY C 151 -18.88 -19.10 30.22
CA GLY C 151 -19.37 -18.73 28.92
C GLY C 151 -18.65 -19.43 27.79
N THR C 152 -18.82 -18.89 26.59
CA THR C 152 -18.15 -19.41 25.41
C THR C 152 -16.64 -19.19 25.53
N HIS C 153 -15.86 -20.25 25.35
CA HIS C 153 -14.43 -20.17 25.59
C HIS C 153 -13.72 -21.35 24.94
N VAL C 154 -12.43 -21.16 24.68
CA VAL C 154 -11.52 -22.21 24.21
C VAL C 154 -10.32 -22.25 25.14
N VAL C 155 -9.98 -23.44 25.62
CA VAL C 155 -8.79 -23.64 26.45
C VAL C 155 -7.60 -23.83 25.53
N TRP C 156 -6.67 -22.87 25.55
CA TRP C 156 -5.50 -22.86 24.67
C TRP C 156 -4.29 -23.34 25.45
N ASP C 157 -3.79 -24.52 25.09
CA ASP C 157 -2.61 -25.11 25.71
C ASP C 157 -1.41 -24.84 24.81
N VAL C 158 -0.55 -23.91 25.22
CA VAL C 158 0.57 -23.53 24.36
C VAL C 158 1.69 -24.56 24.39
N GLY C 159 1.65 -25.50 25.34
CA GLY C 159 2.53 -26.65 25.27
C GLY C 159 2.16 -27.62 24.17
N LEU C 160 0.92 -27.58 23.70
CA LEU C 160 0.45 -28.42 22.61
C LEU C 160 0.33 -27.70 21.29
N GLN C 161 -0.12 -26.44 21.28
CA GLN C 161 -0.32 -25.67 20.06
C GLN C 161 0.27 -24.28 20.23
N SER C 162 1.00 -23.82 19.22
CA SER C 162 1.46 -22.44 19.21
C SER C 162 0.36 -21.45 18.79
N SER C 163 -0.70 -21.92 18.16
CA SER C 163 -1.71 -21.05 17.59
C SER C 163 -3.11 -21.47 18.02
N CYS C 164 -4.00 -20.48 18.08
CA CYS C 164 -5.41 -20.72 18.37
C CYS C 164 -6.23 -19.73 17.56
N VAL C 165 -7.29 -20.21 16.91
CA VAL C 165 -8.07 -19.42 15.97
C VAL C 165 -9.51 -19.34 16.46
N LEU C 166 -10.05 -18.12 16.49
CA LEU C 166 -11.43 -17.87 16.86
C LEU C 166 -12.16 -17.22 15.69
N GLU C 167 -13.32 -17.74 15.34
CA GLU C 167 -14.20 -17.16 14.33
C GLU C 167 -15.40 -16.58 15.04
N VAL C 168 -15.51 -15.25 15.04
CA VAL C 168 -16.47 -14.53 15.86
C VAL C 168 -17.60 -14.03 14.97
N PRO C 169 -18.84 -14.45 15.19
CA PRO C 169 -19.96 -13.93 14.40
C PRO C 169 -20.56 -12.65 14.99
N TRP C 170 -21.65 -12.19 14.36
CA TRP C 170 -22.44 -11.04 14.82
C TRP C 170 -21.60 -9.77 14.94
N ILE C 171 -20.71 -9.56 13.98
CA ILE C 171 -19.91 -8.34 13.92
C ILE C 171 -20.61 -7.35 13.00
N SER C 172 -20.89 -6.16 13.49
CA SER C 172 -21.54 -5.14 12.68
C SER C 172 -21.19 -3.76 13.22
N ASN C 173 -21.33 -2.75 12.35
CA ASN C 173 -21.08 -1.38 12.75
C ASN C 173 -22.09 -0.93 13.79
N THR C 174 -21.62 -0.11 14.72
CA THR C 174 -22.44 0.34 15.84
C THR C 174 -22.89 1.79 15.74
N PHE C 175 -22.27 2.60 14.89
CA PHE C 175 -22.59 4.02 14.81
C PHE C 175 -22.56 4.52 13.37
N TYR C 176 -23.34 5.57 13.12
CA TYR C 176 -23.35 6.23 11.82
C TYR C 176 -22.07 7.01 11.56
N ARG C 177 -21.47 7.57 12.59
CA ARG C 177 -20.18 8.27 12.50
C ARG C 177 -19.18 7.60 13.41
N LYS C 178 -17.96 8.14 13.44
CA LYS C 178 -16.88 7.53 14.21
C LYS C 178 -17.00 7.91 15.69
N ASP C 179 -17.46 6.95 16.50
CA ASP C 179 -17.65 7.14 17.94
C ASP C 179 -16.63 6.28 18.66
N LYS C 180 -15.44 6.84 18.89
CA LYS C 180 -14.42 6.17 19.67
C LYS C 180 -14.51 6.47 21.16
N SER C 181 -15.35 7.42 21.55
CA SER C 181 -15.53 7.69 22.98
C SER C 181 -16.07 6.47 23.70
N SER C 182 -16.91 5.69 23.01
CA SER C 182 -17.27 4.35 23.47
C SER C 182 -16.27 3.31 22.99
N GLY C 183 -15.04 3.72 22.65
CA GLY C 183 -14.08 2.79 22.08
C GLY C 183 -13.69 1.68 23.02
N THR C 184 -13.51 2.00 24.30
CA THR C 184 -13.25 0.96 25.28
C THR C 184 -14.44 0.04 25.47
N GLY C 185 -15.65 0.59 25.49
CA GLY C 185 -16.83 -0.22 25.72
C GLY C 185 -17.98 0.08 24.79
N PHE C 186 -18.45 -0.93 24.08
CA PHE C 186 -19.56 -0.79 23.15
C PHE C 186 -20.74 -1.60 23.69
N SER C 187 -21.88 -0.93 23.88
CA SER C 187 -23.04 -1.60 24.44
C SER C 187 -23.72 -2.51 23.42
N LYS C 188 -23.31 -2.44 22.16
CA LYS C 188 -23.83 -3.28 21.10
C LYS C 188 -22.81 -4.29 20.57
N ALA C 189 -21.62 -4.37 21.18
CA ALA C 189 -20.57 -5.25 20.69
C ALA C 189 -20.05 -6.12 21.82
N GLY C 190 -19.57 -7.31 21.46
CA GLY C 190 -19.04 -8.25 22.41
C GLY C 190 -17.56 -8.03 22.70
N TYR C 191 -16.99 -8.99 23.43
CA TYR C 191 -15.61 -8.92 23.87
C TYR C 191 -14.92 -10.24 23.60
N VAL C 192 -13.59 -10.18 23.48
CA VAL C 192 -12.71 -11.33 23.61
C VAL C 192 -11.70 -10.98 24.68
N THR C 193 -11.54 -11.88 25.65
CA THR C 193 -10.57 -11.72 26.73
C THR C 193 -9.78 -13.01 26.88
N CYS C 194 -8.52 -12.86 27.31
CA CYS C 194 -7.63 -13.99 27.54
C CYS C 194 -7.27 -14.06 29.02
N TRP C 195 -7.32 -15.26 29.58
CA TRP C 195 -7.09 -15.47 31.00
C TRP C 195 -6.01 -16.51 31.22
N PHE C 196 -5.30 -16.39 32.33
CA PHE C 196 -4.36 -17.41 32.79
C PHE C 196 -5.16 -18.54 33.42
N GLN C 197 -5.30 -19.67 32.74
CA GLN C 197 -5.79 -20.86 33.43
C GLN C 197 -4.72 -21.42 34.36
N THR C 198 -3.51 -21.60 33.85
CA THR C 198 -2.33 -21.86 34.65
C THR C 198 -1.32 -20.76 34.34
N SER C 199 -0.24 -20.72 35.12
CA SER C 199 0.86 -19.86 34.74
C SER C 199 1.70 -20.54 33.65
N ILE C 200 2.69 -19.82 33.16
CA ILE C 200 3.64 -20.37 32.20
C ILE C 200 4.87 -20.84 32.98
N VAL C 201 5.24 -22.10 32.80
CA VAL C 201 6.39 -22.68 33.49
C VAL C 201 7.34 -23.22 32.45
N ALA C 202 8.60 -23.39 32.83
CA ALA C 202 9.64 -23.76 31.88
C ALA C 202 10.80 -24.37 32.66
N PRO C 203 11.78 -24.96 31.96
CA PRO C 203 13.05 -25.30 32.63
C PRO C 203 13.89 -24.08 32.95
N ALA C 204 15.00 -24.27 33.68
CA ALA C 204 15.84 -23.16 34.12
C ALA C 204 16.38 -22.33 32.96
N ASP C 205 16.53 -22.93 31.78
CA ASP C 205 17.11 -22.24 30.64
C ASP C 205 16.07 -21.66 29.69
N ALA C 206 14.81 -21.62 30.07
CA ALA C 206 13.77 -20.99 29.29
C ALA C 206 12.91 -20.08 30.16
N MET C 207 13.55 -19.39 31.10
CA MET C 207 12.89 -18.48 32.03
C MET C 207 12.61 -17.10 31.43
N SER C 208 12.83 -16.90 30.14
CA SER C 208 12.63 -15.59 29.56
C SER C 208 11.15 -15.23 29.48
N LYS C 209 10.90 -13.92 29.52
CA LYS C 209 9.56 -13.39 29.31
C LYS C 209 9.05 -13.76 27.91
N CYS C 210 7.78 -14.15 27.83
CA CYS C 210 7.19 -14.63 26.59
C CYS C 210 6.21 -13.60 26.02
N TYR C 211 5.79 -13.84 24.78
CA TYR C 211 4.90 -12.92 24.09
C TYR C 211 3.83 -13.68 23.32
N ILE C 212 2.69 -13.02 23.15
CA ILE C 212 1.60 -13.47 22.30
C ILE C 212 1.38 -12.42 21.22
N MET C 213 1.12 -12.87 20.00
CA MET C 213 0.73 -11.98 18.91
C MET C 213 -0.69 -12.32 18.47
N CYS C 214 -1.40 -11.31 17.98
CA CYS C 214 -2.78 -11.44 17.53
C CYS C 214 -2.89 -10.97 16.09
N PHE C 215 -3.59 -11.73 15.27
CA PHE C 215 -3.85 -11.40 13.87
C PHE C 215 -5.36 -11.33 13.66
N VAL C 216 -5.77 -10.52 12.69
CA VAL C 216 -7.18 -10.33 12.38
C VAL C 216 -7.37 -10.23 10.88
N SER C 217 -8.49 -10.75 10.42
CA SER C 217 -8.94 -10.58 9.04
C SER C 217 -10.43 -10.89 9.01
N ALA C 218 -11.08 -10.49 7.92
CA ALA C 218 -12.47 -10.86 7.72
C ALA C 218 -12.57 -12.36 7.47
N ASP C 219 -13.49 -13.01 8.18
CA ASP C 219 -13.57 -14.47 8.16
C ASP C 219 -14.23 -14.98 6.89
N ASN C 220 -15.46 -14.55 6.63
CA ASN C 220 -16.20 -14.98 5.45
C ASN C 220 -16.62 -13.72 4.69
N ASP C 221 -17.57 -13.90 3.77
CA ASP C 221 -18.15 -12.77 3.04
C ASP C 221 -18.53 -11.64 3.99
N PHE C 222 -17.84 -10.53 3.88
CA PHE C 222 -18.12 -9.33 4.66
C PHE C 222 -18.87 -8.34 3.78
N SER C 223 -19.89 -7.71 4.35
CA SER C 223 -20.73 -6.77 3.62
C SER C 223 -20.39 -5.34 4.01
N VAL C 224 -20.21 -4.48 3.02
CA VAL C 224 -20.01 -3.05 3.25
C VAL C 224 -20.97 -2.27 2.36
N ARG C 225 -21.39 -1.11 2.84
CA ARG C 225 -22.30 -0.24 2.10
C ARG C 225 -21.99 1.22 2.40
N LEU C 226 -22.46 2.10 1.52
CA LEU C 226 -22.41 3.54 1.73
C LEU C 226 -20.98 4.07 1.86
N LEU C 227 -20.23 4.04 0.76
CA LEU C 227 -18.87 4.58 0.75
C LEU C 227 -18.86 6.03 1.22
N LYS C 228 -17.87 6.37 2.04
CA LYS C 228 -17.72 7.70 2.58
C LYS C 228 -16.24 8.05 2.63
N ASP C 229 -15.95 9.26 3.10
CA ASP C 229 -14.56 9.69 3.29
C ASP C 229 -14.00 9.08 4.57
N THR C 230 -12.79 8.55 4.49
CA THR C 230 -12.17 8.00 5.69
C THR C 230 -11.85 9.12 6.67
N PRO C 231 -12.04 8.90 7.98
CA PRO C 231 -11.74 9.95 8.95
C PRO C 231 -10.25 10.08 9.26
N PHE C 232 -9.38 9.30 8.61
CA PHE C 232 -7.96 9.37 8.86
C PHE C 232 -7.25 10.43 8.01
N ILE C 233 -7.97 11.16 7.18
CA ILE C 233 -7.41 12.27 6.42
C ILE C 233 -8.23 13.51 6.77
N LYS C 234 -7.58 14.48 7.42
CA LYS C 234 -8.20 15.79 7.64
C LYS C 234 -7.16 16.90 7.58
N GLU C 235 -7.63 18.12 7.35
CA GLU C 235 -6.81 19.34 7.32
C GLU C 235 -5.80 19.32 6.17
N GLN C 236 -5.76 18.20 5.43
CA GLN C 236 -4.81 18.04 4.35
C GLN C 236 -5.43 18.39 3.00
N ALA C 237 -6.76 18.47 2.95
CA ALA C 237 -7.41 19.04 1.77
C ALA C 237 -7.04 20.50 1.60
N ALA C 238 -6.79 21.21 2.70
CA ALA C 238 -6.36 22.59 2.63
C ALA C 238 -4.90 22.73 2.24
N ARG C 239 -4.04 21.81 2.69
CA ARG C 239 -2.60 21.95 2.50
C ARG C 239 -2.14 21.51 1.12
N ARG C 240 -2.98 20.82 0.36
CA ARG C 240 -2.63 20.33 -0.96
C ARG C 240 -1.37 19.49 -0.91
N VAL C 241 -1.32 18.56 0.03
CA VAL C 241 -0.13 17.75 0.29
C VAL C 241 1.08 18.62 0.59
#